data_7VQS
#
_entry.id   7VQS
#
_cell.length_a   186.245
_cell.length_b   186.245
_cell.length_c   106.553
_cell.angle_alpha   90.000
_cell.angle_beta   90.000
_cell.angle_gamma   120.000
#
_symmetry.space_group_name_H-M   'P 61 2 2'
#
loop_
_entity.id
_entity.type
_entity.pdbx_description
1 polymer 'Lysine-specific histone demethylase 1A'
2 non-polymer GLYCEROL
3 non-polymer 'L(+)-TARTARIC ACID'
4 non-polymer 3-[3,5-bis(fluoranyl)-2-[(2-fluoranylpyridin-3-yl)methoxy]phenyl]propanal
5 non-polymer 'FLAVIN-ADENINE DINUCLEOTIDE'
#
_entity_poly.entity_id   1
_entity_poly.type   'polypeptide(L)'
_entity_poly.pdbx_seq_one_letter_code
;GPLGSHMSGVEGAAFQSRLPHDRMTSQEAACFPDIISGPQQTQKVFLFIRNRTLQLWLDNPKIQLTFEATLQQLEAPYNS
DTVLVHRVHSYLERHGLINFGIYKRIKPLPTKKTGKVIIIGSGVSGLAAARQLQSFGMDVTLLEARDRVGGRVATFRKGN
YVADLGAMVVTGLGGNPMAVVSKQVNMELAKIKQKCPLYEANGQAVPKEKDEMVEQEFNRLLEATSYLSHQLDFNVLNNK
PVSLGQALEVVIQLQEKHVKDEQIEHWKKIVKTQEELKELLNKMVNLKEKIKELHQQYKEASEVKPPRDITAEFLVKSKH
RDLTALCKEYDELAETQGKLEEKLQELEANPPSDVYLSSRDRQILDWHFANLEFANATPLSTLSLKHWDQDDDFEFTGSH
LTVRNGYSCVPVALAEGLDIKLNTAVRQVRYTASGCEVIAVNTRSTSQTFIYKCDAVLCTLPLGVLKQQPPAVQFVPPLP
EWKTSAVQRMGFGNLNKVVLCFDRVFWDPSVNLFGHVGSTTASRGELFLFWNLYKAPILLALVAGEAAGIMENISDDVIV
GRCLAILKGIFGSSAVPQPKETVVSRWRADPWARGSYSYVAAGSSGNDYDLMAQPITPGPSIPGAPQPIPRLFFAGEHTI
RNYPATVHGALLSGLREAGRIADQFLGAM
;
_entity_poly.pdbx_strand_id   A
#
loop_
_chem_comp.id
_chem_comp.type
_chem_comp.name
_chem_comp.formula
7UQ non-polymer 3-[3,5-bis(fluoranyl)-2-[(2-fluoranylpyridin-3-yl)methoxy]phenyl]propanal 'C15 H12 F3 N O2'
FAD non-polymer 'FLAVIN-ADENINE DINUCLEOTIDE' 'C27 H33 N9 O15 P2'
GOL non-polymer GLYCEROL 'C3 H8 O3'
TLA non-polymer 'L(+)-TARTARIC ACID' 'C4 H6 O6'
#
# COMPACT_ATOMS: atom_id res chain seq x y z
N SER A 8 7.26 -18.84 -21.98
CA SER A 8 7.62 -18.65 -23.40
C SER A 8 7.80 -17.17 -23.80
N GLY A 9 8.25 -16.93 -25.04
CA GLY A 9 8.63 -15.60 -25.53
C GLY A 9 7.52 -14.65 -25.94
N VAL A 10 6.63 -15.05 -26.86
CA VAL A 10 5.55 -14.15 -27.23
C VAL A 10 4.43 -14.22 -26.19
N GLU A 11 4.39 -15.33 -25.46
CA GLU A 11 3.49 -15.42 -24.33
C GLU A 11 3.96 -14.48 -23.25
N GLY A 12 5.28 -14.45 -23.04
CA GLY A 12 5.88 -13.49 -22.12
C GLY A 12 5.53 -12.06 -22.48
N ALA A 13 5.49 -11.77 -23.78
CA ALA A 13 5.18 -10.40 -24.17
C ALA A 13 3.75 -10.02 -23.80
N ALA A 14 2.82 -10.96 -23.95
CA ALA A 14 1.45 -10.69 -23.54
C ALA A 14 1.35 -10.46 -22.05
N PHE A 15 2.00 -11.33 -21.27
CA PHE A 15 2.01 -11.14 -19.83
C PHE A 15 2.58 -9.77 -19.48
N GLN A 16 3.70 -9.41 -20.10
CA GLN A 16 4.31 -8.13 -19.86
C GLN A 16 3.40 -6.96 -20.21
N SER A 17 2.42 -7.18 -21.06
CA SER A 17 1.46 -6.14 -21.39
C SER A 17 0.17 -6.23 -20.59
N ARG A 18 0.14 -7.05 -19.55
CA ARG A 18 -1.04 -7.19 -18.69
C ARG A 18 -2.23 -7.72 -19.48
N LEU A 19 -1.95 -8.66 -20.37
CA LEU A 19 -2.95 -9.25 -21.23
C LEU A 19 -2.89 -10.76 -21.16
N PRO A 20 -4.04 -11.42 -21.26
CA PRO A 20 -4.04 -12.88 -21.36
C PRO A 20 -3.45 -13.29 -22.70
N HIS A 21 -2.44 -14.15 -22.64
CA HIS A 21 -1.77 -14.46 -23.89
C HIS A 21 -2.66 -15.28 -24.79
N ASP A 22 -3.70 -15.94 -24.26
CA ASP A 22 -4.45 -16.89 -25.05
C ASP A 22 -5.94 -16.53 -25.21
N ARG A 23 -6.34 -15.28 -24.96
CA ARG A 23 -7.71 -14.92 -25.33
C ARG A 23 -7.76 -13.41 -25.52
N MET A 24 -8.81 -12.97 -26.22
CA MET A 24 -9.02 -11.56 -26.51
C MET A 24 -9.67 -10.86 -25.32
N THR A 25 -9.24 -9.63 -25.03
CA THR A 25 -9.98 -8.90 -24.02
C THR A 25 -11.29 -8.40 -24.59
N SER A 26 -12.17 -7.98 -23.68
CA SER A 26 -13.42 -7.39 -24.09
C SER A 26 -13.17 -6.19 -24.98
N GLN A 27 -12.19 -5.38 -24.60
CA GLN A 27 -11.82 -4.22 -25.40
C GLN A 27 -11.45 -4.61 -26.82
N GLU A 28 -10.62 -5.66 -26.96
CA GLU A 28 -10.31 -6.18 -28.30
C GLU A 28 -11.52 -6.78 -28.98
N ALA A 29 -12.45 -7.37 -28.23
CA ALA A 29 -13.62 -7.91 -28.90
C ALA A 29 -14.43 -6.78 -29.52
N ALA A 30 -14.58 -5.68 -28.78
CA ALA A 30 -15.21 -4.47 -29.30
C ALA A 30 -14.56 -4.00 -30.59
N CYS A 31 -13.23 -3.85 -30.57
CA CYS A 31 -12.61 -3.27 -31.75
C CYS A 31 -12.56 -4.27 -32.92
N PHE A 32 -12.57 -5.57 -32.65
CA PHE A 32 -12.46 -6.59 -33.69
C PHE A 32 -13.65 -7.56 -33.71
N PRO A 33 -14.88 -7.06 -33.88
CA PRO A 33 -16.04 -7.96 -33.83
C PRO A 33 -16.04 -8.99 -34.94
N ASP A 34 -15.42 -8.71 -36.06
CA ASP A 34 -15.33 -9.71 -37.11
C ASP A 34 -14.48 -10.89 -36.68
N ILE A 35 -13.58 -10.66 -35.73
CA ILE A 35 -12.74 -11.75 -35.25
C ILE A 35 -13.54 -12.63 -34.30
N ILE A 36 -14.23 -12.03 -33.32
CA ILE A 36 -14.97 -12.84 -32.36
C ILE A 36 -16.08 -13.62 -33.06
N SER A 37 -16.70 -13.03 -34.07
CA SER A 37 -17.77 -13.76 -34.73
C SER A 37 -17.28 -14.71 -35.82
N GLY A 38 -16.04 -14.56 -36.30
CA GLY A 38 -15.51 -15.41 -37.33
C GLY A 38 -14.98 -16.74 -36.85
N PRO A 39 -14.36 -17.50 -37.75
CA PRO A 39 -13.88 -18.84 -37.40
C PRO A 39 -12.80 -18.74 -36.33
N GLN A 40 -12.68 -19.82 -35.54
CA GLN A 40 -11.70 -19.86 -34.45
C GLN A 40 -10.27 -19.74 -34.96
N GLN A 41 -9.98 -20.34 -36.11
CA GLN A 41 -8.63 -20.30 -36.63
C GLN A 41 -8.13 -18.87 -36.79
N THR A 42 -8.97 -17.99 -37.32
CA THR A 42 -8.57 -16.60 -37.49
C THR A 42 -8.36 -15.92 -36.15
N GLN A 43 -9.14 -16.26 -35.13
CA GLN A 43 -8.91 -15.70 -33.81
C GLN A 43 -7.54 -16.10 -33.26
N LYS A 44 -7.12 -17.35 -33.51
CA LYS A 44 -5.78 -17.73 -33.06
C LYS A 44 -4.70 -16.98 -33.82
N VAL A 45 -4.95 -16.72 -35.10
CA VAL A 45 -4.03 -15.91 -35.90
C VAL A 45 -3.91 -14.49 -35.36
N PHE A 46 -5.06 -13.88 -35.06
CA PHE A 46 -5.09 -12.58 -34.41
C PHE A 46 -4.20 -12.53 -33.18
N LEU A 47 -4.38 -13.50 -32.29
CA LEU A 47 -3.63 -13.44 -31.04
C LEU A 47 -2.13 -13.57 -31.27
N PHE A 48 -1.72 -14.37 -32.26
CA PHE A 48 -0.28 -14.43 -32.51
C PHE A 48 0.23 -13.11 -33.04
N ILE A 49 -0.51 -12.47 -33.95
CA ILE A 49 -0.08 -11.14 -34.40
C ILE A 49 0.12 -10.20 -33.22
N ARG A 50 -0.87 -10.15 -32.32
CA ARG A 50 -0.78 -9.23 -31.18
C ARG A 50 0.43 -9.52 -30.31
N ASN A 51 0.60 -10.78 -29.92
CA ASN A 51 1.69 -11.12 -29.02
C ASN A 51 3.05 -10.84 -29.66
N ARG A 52 3.22 -11.22 -30.92
CA ARG A 52 4.51 -11.00 -31.56
C ARG A 52 4.79 -9.50 -31.72
N THR A 53 3.76 -8.71 -32.00
CA THR A 53 3.97 -7.27 -32.12
C THR A 53 4.44 -6.66 -30.80
N LEU A 54 3.82 -7.10 -29.71
CA LEU A 54 4.27 -6.63 -28.41
C LEU A 54 5.70 -7.07 -28.15
N GLN A 55 6.08 -8.28 -28.58
CA GLN A 55 7.44 -8.74 -28.33
C GLN A 55 8.43 -7.88 -29.11
N LEU A 56 8.12 -7.59 -30.35
CA LEU A 56 9.00 -6.75 -31.14
C LEU A 56 9.23 -5.42 -30.46
N TRP A 57 8.18 -4.81 -29.93
CA TRP A 57 8.34 -3.54 -29.23
C TRP A 57 9.15 -3.70 -27.95
N LEU A 58 8.76 -4.65 -27.09
CA LEU A 58 9.36 -4.84 -25.79
C LEU A 58 10.82 -5.30 -25.84
N ASP A 59 11.19 -6.04 -26.88
CA ASP A 59 12.59 -6.44 -27.02
C ASP A 59 13.48 -5.26 -27.30
N ASN A 60 12.92 -4.17 -27.81
CA ASN A 60 13.69 -2.95 -28.10
C ASN A 60 12.79 -1.74 -28.06
N PRO A 61 12.43 -1.29 -26.86
CA PRO A 61 11.53 -0.16 -26.70
C PRO A 61 12.20 1.19 -26.87
N LYS A 62 13.48 1.24 -27.28
CA LYS A 62 14.11 2.53 -27.43
C LYS A 62 13.86 3.17 -28.78
N ILE A 63 13.29 2.43 -29.73
CA ILE A 63 12.97 3.00 -31.03
C ILE A 63 11.51 2.67 -31.32
N GLN A 64 10.88 3.55 -32.09
CA GLN A 64 9.52 3.34 -32.54
C GLN A 64 9.40 2.07 -33.36
N LEU A 65 8.39 1.27 -33.04
CA LEU A 65 8.03 0.10 -33.82
C LEU A 65 6.95 0.48 -34.81
N THR A 66 7.31 0.55 -36.08
CA THR A 66 6.37 0.94 -37.12
C THR A 66 5.65 -0.30 -37.65
N PHE A 67 4.58 -0.03 -38.38
CA PHE A 67 3.86 -1.08 -39.08
C PHE A 67 4.77 -1.84 -40.04
N GLU A 68 5.52 -1.09 -40.84
CA GLU A 68 6.39 -1.72 -41.82
C GLU A 68 7.37 -2.67 -41.14
N ALA A 69 7.98 -2.25 -40.04
CA ALA A 69 8.98 -3.08 -39.39
C ALA A 69 8.36 -4.29 -38.72
N THR A 70 7.13 -4.15 -38.23
CA THR A 70 6.39 -5.31 -37.75
C THR A 70 6.16 -6.29 -38.88
N LEU A 71 5.67 -5.81 -40.01
CA LEU A 71 5.41 -6.71 -41.11
C LEU A 71 6.70 -7.39 -41.53
N GLN A 72 7.80 -6.65 -41.52
CA GLN A 72 9.08 -7.20 -41.93
C GLN A 72 9.62 -8.24 -40.97
N GLN A 73 9.22 -8.20 -39.70
CA GLN A 73 9.79 -9.14 -38.73
C GLN A 73 8.86 -10.29 -38.40
N LEU A 74 7.69 -10.33 -39.03
CA LEU A 74 6.80 -11.48 -38.92
C LEU A 74 7.21 -12.62 -39.85
N GLU A 75 7.25 -13.84 -39.31
CA GLU A 75 7.54 -15.01 -40.12
C GLU A 75 6.30 -15.38 -40.92
N ALA A 76 6.53 -16.03 -42.06
CA ALA A 76 5.43 -16.64 -42.81
C ALA A 76 4.64 -17.59 -41.91
N PRO A 77 3.31 -17.65 -42.04
CA PRO A 77 2.37 -17.00 -42.97
C PRO A 77 1.88 -15.66 -42.46
N TYR A 78 2.37 -15.30 -41.27
CA TYR A 78 1.80 -14.16 -40.58
C TYR A 78 2.14 -12.85 -41.27
N ASN A 79 3.31 -12.77 -41.89
CA ASN A 79 3.61 -11.55 -42.64
C ASN A 79 2.83 -11.45 -43.94
N SER A 80 1.90 -12.36 -44.20
CA SER A 80 1.09 -12.34 -45.42
C SER A 80 -0.28 -11.70 -45.25
N ASP A 81 -0.86 -11.68 -44.04
CA ASP A 81 -2.17 -11.05 -43.84
C ASP A 81 -1.90 -9.59 -43.44
N THR A 82 -1.52 -8.82 -44.46
CA THR A 82 -1.12 -7.43 -44.28
C THR A 82 -2.21 -6.55 -43.66
N VAL A 83 -3.47 -6.73 -44.08
CA VAL A 83 -4.53 -5.87 -43.58
C VAL A 83 -4.72 -6.10 -42.10
N LEU A 84 -4.70 -7.36 -41.69
CA LEU A 84 -4.92 -7.70 -40.30
C LEU A 84 -3.75 -7.22 -39.45
N VAL A 85 -2.53 -7.40 -39.96
CA VAL A 85 -1.36 -6.89 -39.26
C VAL A 85 -1.50 -5.40 -39.00
N HIS A 86 -1.89 -4.64 -40.02
CA HIS A 86 -2.06 -3.21 -39.79
C HIS A 86 -3.16 -2.94 -38.78
N ARG A 87 -4.29 -3.63 -38.88
CA ARG A 87 -5.37 -3.40 -37.91
C ARG A 87 -4.86 -3.61 -36.50
N VAL A 88 -4.06 -4.65 -36.29
CA VAL A 88 -3.59 -4.96 -34.94
C VAL A 88 -2.58 -3.94 -34.50
N HIS A 89 -1.64 -3.58 -35.39
CA HIS A 89 -0.63 -2.59 -35.05
C HIS A 89 -1.29 -1.29 -34.65
N SER A 90 -2.28 -0.85 -35.44
CA SER A 90 -2.96 0.41 -35.18
C SER A 90 -3.63 0.39 -33.85
N TYR A 91 -4.27 -0.74 -33.52
CA TYR A 91 -4.95 -0.82 -32.25
C TYR A 91 -3.97 -0.72 -31.10
N LEU A 92 -2.91 -1.53 -31.15
CA LEU A 92 -1.92 -1.48 -30.08
C LEU A 92 -1.31 -0.11 -29.90
N GLU A 93 -0.99 0.56 -31.00
CA GLU A 93 -0.40 1.89 -30.90
C GLU A 93 -1.37 2.89 -30.29
N ARG A 94 -2.63 2.86 -30.72
CA ARG A 94 -3.62 3.82 -30.22
C ARG A 94 -3.85 3.66 -28.73
N HIS A 95 -3.77 2.46 -28.22
CA HIS A 95 -3.99 2.23 -26.82
C HIS A 95 -2.70 2.31 -26.00
N GLY A 96 -1.60 2.77 -26.59
CA GLY A 96 -0.36 2.91 -25.86
C GLY A 96 0.29 1.62 -25.42
N LEU A 97 -0.05 0.51 -26.06
CA LEU A 97 0.63 -0.73 -25.73
C LEU A 97 1.97 -0.89 -26.44
N ILE A 98 2.16 -0.19 -27.55
CA ILE A 98 3.47 -0.01 -28.15
C ILE A 98 3.64 1.47 -28.38
N ASN A 99 4.86 1.86 -28.73
CA ASN A 99 5.23 3.27 -28.95
C ASN A 99 4.66 4.18 -27.87
N PHE A 100 4.95 3.84 -26.62
CA PHE A 100 4.68 4.70 -25.48
C PHE A 100 6.02 5.00 -24.81
N GLY A 101 6.02 6.02 -23.95
CA GLY A 101 7.21 6.39 -23.24
C GLY A 101 8.08 7.29 -24.10
N ILE A 102 9.40 7.16 -24.06
CA ILE A 102 10.25 8.03 -24.86
C ILE A 102 11.14 7.16 -25.74
N TYR A 103 11.11 7.43 -27.04
CA TYR A 103 11.77 6.58 -28.03
C TYR A 103 12.12 7.41 -29.26
N LYS A 104 13.04 6.90 -30.06
CA LYS A 104 13.41 7.59 -31.29
C LYS A 104 12.29 7.43 -32.30
N ARG A 105 11.76 8.51 -32.81
CA ARG A 105 10.71 8.41 -33.81
C ARG A 105 11.35 8.07 -35.15
N ILE A 106 10.79 7.11 -35.87
CA ILE A 106 11.20 6.90 -37.26
C ILE A 106 10.47 7.85 -38.18
N LYS A 107 9.16 7.87 -38.09
CA LYS A 107 8.33 8.85 -38.78
C LYS A 107 8.37 10.13 -37.95
N PRO A 108 8.99 11.21 -38.46
CA PRO A 108 9.00 12.48 -37.73
C PRO A 108 7.60 13.01 -37.48
N LEU A 109 7.50 13.97 -36.56
CA LEU A 109 6.17 14.39 -36.13
C LEU A 109 5.45 15.09 -37.28
N PRO A 110 4.16 14.86 -37.43
CA PRO A 110 3.42 15.55 -38.49
C PRO A 110 3.46 17.05 -38.28
N THR A 111 3.73 17.74 -39.36
CA THR A 111 3.97 19.18 -39.28
C THR A 111 2.67 19.94 -39.12
N LYS A 112 1.57 19.46 -39.72
CA LYS A 112 0.25 20.03 -39.47
C LYS A 112 -0.43 19.22 -38.37
N LYS A 113 -0.91 19.93 -37.34
CA LYS A 113 -1.52 19.34 -36.15
C LYS A 113 -3.05 19.21 -36.32
N THR A 114 -3.70 18.58 -35.35
CA THR A 114 -5.14 18.33 -35.43
C THR A 114 -5.72 18.36 -34.01
N GLY A 115 -6.43 19.44 -33.67
CA GLY A 115 -6.99 19.56 -32.32
C GLY A 115 -6.01 20.18 -31.35
N LYS A 116 -6.50 21.01 -30.43
CA LYS A 116 -5.68 21.63 -29.40
C LYS A 116 -6.12 21.07 -28.06
N VAL A 117 -5.17 20.45 -27.35
CA VAL A 117 -5.40 19.90 -26.03
C VAL A 117 -4.53 20.65 -25.02
N ILE A 118 -5.16 21.12 -23.96
CA ILE A 118 -4.46 21.62 -22.78
C ILE A 118 -4.40 20.52 -21.74
N ILE A 119 -3.21 20.21 -21.29
CA ILE A 119 -3.03 19.27 -20.19
C ILE A 119 -2.71 20.07 -18.95
N ILE A 120 -3.51 19.89 -17.91
CA ILE A 120 -3.25 20.54 -16.65
C ILE A 120 -2.37 19.58 -15.86
N GLY A 121 -1.16 20.02 -15.55
CA GLY A 121 -0.26 19.23 -14.76
C GLY A 121 0.74 18.43 -15.57
N SER A 122 1.99 18.52 -15.13
CA SER A 122 3.13 17.89 -15.77
C SER A 122 3.71 16.80 -14.88
N GLY A 123 2.86 16.05 -14.19
CA GLY A 123 3.25 14.83 -13.52
C GLY A 123 3.34 13.70 -14.53
N VAL A 124 3.48 12.48 -14.01
CA VAL A 124 3.70 11.35 -14.92
C VAL A 124 2.46 11.14 -15.78
N SER A 125 1.28 11.37 -15.23
CA SER A 125 0.10 11.16 -16.03
C SER A 125 0.02 12.20 -17.14
N GLY A 126 0.23 13.48 -16.79
CA GLY A 126 0.23 14.51 -17.83
C GLY A 126 1.33 14.33 -18.87
N LEU A 127 2.54 13.95 -18.44
CA LEU A 127 3.61 13.77 -19.41
C LEU A 127 3.33 12.60 -20.34
N ALA A 128 2.82 11.49 -19.80
CA ALA A 128 2.56 10.31 -20.63
C ALA A 128 1.49 10.61 -21.67
N ALA A 129 0.43 11.32 -21.25
CA ALA A 129 -0.58 11.68 -22.22
C ALA A 129 -0.02 12.63 -23.27
N ALA A 130 0.78 13.60 -22.85
CA ALA A 130 1.31 14.57 -23.79
C ALA A 130 2.15 13.88 -24.85
N ARG A 131 3.01 12.96 -24.46
CA ARG A 131 3.82 12.29 -25.46
C ARG A 131 2.96 11.48 -26.41
N GLN A 132 1.90 10.84 -25.90
CA GLN A 132 1.02 10.15 -26.82
C GLN A 132 0.36 11.11 -27.81
N LEU A 133 -0.32 12.12 -27.28
CA LEU A 133 -1.05 13.05 -28.13
C LEU A 133 -0.13 13.75 -29.13
N GLN A 134 1.13 14.00 -28.76
CA GLN A 134 2.08 14.61 -29.68
C GLN A 134 2.44 13.62 -30.78
N SER A 135 2.64 12.36 -30.40
CA SER A 135 2.84 11.34 -31.43
C SER A 135 1.63 11.20 -32.35
N PHE A 136 0.42 11.35 -31.83
CA PHE A 136 -0.77 11.22 -32.66
C PHE A 136 -0.99 12.43 -33.54
N GLY A 137 -0.13 13.43 -33.45
CA GLY A 137 -0.22 14.59 -34.30
C GLY A 137 -1.03 15.76 -33.81
N MET A 138 -1.24 15.88 -32.50
CA MET A 138 -2.02 16.98 -31.95
C MET A 138 -1.13 18.08 -31.35
N ASP A 139 -1.75 19.24 -31.14
CA ASP A 139 -1.10 20.39 -30.53
C ASP A 139 -1.36 20.34 -29.03
N VAL A 140 -0.31 20.07 -28.26
CA VAL A 140 -0.42 19.81 -26.83
C VAL A 140 0.39 20.86 -26.11
N THR A 141 -0.20 21.44 -25.08
CA THR A 141 0.51 22.34 -24.19
C THR A 141 0.17 21.94 -22.78
N LEU A 142 1.19 21.79 -21.97
CA LEU A 142 1.03 21.50 -20.55
C LEU A 142 1.13 22.78 -19.72
N LEU A 143 0.18 22.98 -18.81
CA LEU A 143 0.26 24.06 -17.82
C LEU A 143 0.58 23.40 -16.49
N GLU A 144 1.70 23.83 -15.89
CA GLU A 144 2.25 23.25 -14.68
C GLU A 144 2.53 24.34 -13.65
N ALA A 145 1.97 24.18 -12.43
CA ALA A 145 2.12 25.25 -11.45
C ALA A 145 3.53 25.30 -10.85
N ARG A 146 4.20 24.16 -10.73
CA ARG A 146 5.50 24.16 -10.08
C ARG A 146 6.58 24.74 -11.02
N ASP A 147 7.77 24.95 -10.48
CA ASP A 147 8.89 25.33 -11.33
C ASP A 147 9.62 24.13 -11.88
N ARG A 148 8.94 22.99 -11.95
CA ARG A 148 9.59 21.76 -12.35
C ARG A 148 8.53 20.77 -12.82
N VAL A 149 8.97 19.78 -13.60
CA VAL A 149 8.09 18.69 -14.00
C VAL A 149 8.16 17.62 -12.93
N GLY A 150 7.31 16.60 -13.05
CA GLY A 150 7.38 15.39 -12.24
C GLY A 150 6.27 15.28 -11.20
N GLY A 151 5.74 16.41 -10.76
CA GLY A 151 4.68 16.42 -9.75
C GLY A 151 5.04 15.68 -8.49
N ARG A 152 4.35 14.57 -8.24
CA ARG A 152 4.59 13.77 -7.04
C ARG A 152 5.77 12.83 -7.17
N VAL A 153 6.47 12.91 -8.29
CA VAL A 153 7.86 12.47 -8.44
C VAL A 153 8.75 13.66 -8.19
N ALA A 154 9.54 13.61 -7.12
CA ALA A 154 10.30 14.79 -6.72
C ALA A 154 11.63 14.33 -6.15
N THR A 155 12.72 14.65 -6.88
CA THR A 155 14.07 14.24 -6.52
C THR A 155 14.87 15.45 -6.06
N PHE A 156 15.36 15.39 -4.84
CA PHE A 156 16.34 16.30 -4.26
C PHE A 156 17.80 15.98 -4.64
N ARG A 157 18.58 16.99 -5.09
CA ARG A 157 20.00 16.81 -5.41
C ARG A 157 20.80 18.00 -4.90
N LYS A 158 21.88 17.69 -4.18
CA LYS A 158 22.74 18.72 -3.60
C LYS A 158 24.03 18.02 -3.21
N GLY A 159 25.16 18.49 -3.72
CA GLY A 159 26.43 17.79 -3.52
C GLY A 159 26.40 16.38 -4.09
N ASN A 160 26.90 15.39 -3.34
CA ASN A 160 26.79 14.02 -3.83
C ASN A 160 25.49 13.38 -3.49
N TYR A 161 24.60 14.12 -2.84
CA TYR A 161 23.35 13.58 -2.37
C TYR A 161 22.25 13.63 -3.42
N VAL A 162 21.56 12.49 -3.58
CA VAL A 162 20.36 12.33 -4.41
C VAL A 162 19.35 11.56 -3.56
N ALA A 163 18.11 12.06 -3.48
CA ALA A 163 17.06 11.43 -2.68
C ALA A 163 15.65 11.80 -3.16
N ASP A 164 14.76 10.81 -3.30
CA ASP A 164 13.41 11.09 -3.75
C ASP A 164 12.49 11.46 -2.58
N LEU A 165 11.82 12.62 -2.69
CA LEU A 165 10.86 13.04 -1.67
C LEU A 165 9.44 12.56 -1.92
N GLY A 166 9.09 12.23 -3.16
CA GLY A 166 7.80 11.63 -3.49
C GLY A 166 8.01 10.17 -3.84
N ALA A 167 7.49 9.75 -4.98
CA ALA A 167 7.62 8.36 -5.40
C ALA A 167 9.10 8.01 -5.55
N MET A 168 9.41 6.72 -5.40
CA MET A 168 10.79 6.26 -5.30
C MET A 168 10.96 4.74 -5.40
N VAL A 169 9.86 4.00 -5.54
CA VAL A 169 9.87 2.55 -5.67
C VAL A 169 9.13 2.09 -6.93
N VAL A 170 9.78 1.20 -7.67
CA VAL A 170 9.13 0.46 -8.72
C VAL A 170 8.76 -0.89 -8.14
N THR A 171 7.47 -1.24 -8.19
CA THR A 171 6.99 -2.51 -7.69
C THR A 171 7.41 -3.51 -8.76
N GLY A 172 6.99 -4.77 -8.72
CA GLY A 172 7.56 -5.71 -9.69
C GLY A 172 7.68 -5.34 -11.19
N LEU A 173 8.75 -5.76 -11.87
CA LEU A 173 8.83 -5.39 -13.29
C LEU A 173 7.92 -6.26 -14.16
N GLY A 174 7.50 -7.43 -13.69
CA GLY A 174 6.69 -8.26 -14.55
C GLY A 174 5.27 -7.74 -14.79
N GLY A 175 5.00 -7.29 -16.02
CA GLY A 175 3.74 -6.63 -16.32
C GLY A 175 3.76 -5.13 -16.16
N ASN A 176 4.83 -4.58 -15.60
CA ASN A 176 4.88 -3.19 -15.22
C ASN A 176 5.33 -2.33 -16.39
N PRO A 177 4.55 -1.35 -16.83
CA PRO A 177 5.03 -0.49 -17.94
C PRO A 177 6.26 0.31 -17.56
N MET A 178 6.52 0.47 -16.28
CA MET A 178 7.72 1.16 -15.89
C MET A 178 8.95 0.34 -16.27
N ALA A 179 8.79 -0.97 -16.52
CA ALA A 179 9.93 -1.75 -17.00
C ALA A 179 10.39 -1.24 -18.37
N VAL A 180 9.44 -0.84 -19.20
CA VAL A 180 9.75 -0.26 -20.49
C VAL A 180 10.39 1.09 -20.30
N VAL A 181 9.80 1.92 -19.43
CA VAL A 181 10.35 3.25 -19.27
C VAL A 181 11.77 3.17 -18.70
N SER A 182 12.02 2.23 -17.80
CA SER A 182 13.37 2.02 -17.27
C SER A 182 14.37 1.75 -18.38
N LYS A 183 14.02 0.83 -19.29
CA LYS A 183 14.93 0.55 -20.40
C LYS A 183 15.14 1.79 -21.27
N GLN A 184 14.08 2.58 -21.48
CA GLN A 184 14.18 3.74 -22.36
C GLN A 184 15.01 4.86 -21.75
N VAL A 185 14.81 5.11 -20.48
CA VAL A 185 15.40 6.22 -19.75
C VAL A 185 16.72 5.92 -19.04
N ASN A 186 17.04 4.64 -18.85
CA ASN A 186 18.23 4.26 -18.09
C ASN A 186 18.08 4.56 -16.60
N MET A 187 16.96 4.17 -16.03
CA MET A 187 16.92 4.28 -14.59
C MET A 187 17.85 3.22 -14.01
N GLU A 188 18.63 3.61 -13.01
CA GLU A 188 19.39 2.65 -12.24
C GLU A 188 18.49 2.14 -11.13
N LEU A 189 18.02 0.91 -11.30
CA LEU A 189 17.19 0.28 -10.29
C LEU A 189 17.98 -0.68 -9.41
N ALA A 190 17.57 -0.77 -8.15
CA ALA A 190 18.26 -1.64 -7.20
C ALA A 190 17.27 -2.36 -6.29
N LYS A 191 17.34 -3.71 -6.30
CA LYS A 191 16.42 -4.54 -5.52
C LYS A 191 16.60 -4.24 -4.02
N ILE A 192 15.51 -4.27 -3.27
CA ILE A 192 15.53 -4.01 -1.83
C ILE A 192 15.72 -5.29 -1.01
N LYS A 193 16.72 -5.29 -0.11
CA LYS A 193 16.90 -6.42 0.81
C LYS A 193 15.82 -6.37 1.88
N GLN A 194 15.29 -7.55 2.23
CA GLN A 194 14.06 -7.59 3.02
C GLN A 194 14.24 -7.52 4.52
N LYS A 195 15.43 -7.80 5.05
CA LYS A 195 15.67 -7.69 6.48
C LYS A 195 15.37 -6.29 7.02
N CYS A 196 14.61 -6.22 8.11
CA CYS A 196 14.18 -4.94 8.68
C CYS A 196 14.13 -5.00 10.20
N PRO A 197 15.27 -4.80 10.85
CA PRO A 197 15.32 -4.85 12.32
C PRO A 197 14.54 -3.74 12.99
N LEU A 198 13.95 -4.07 14.13
CA LEU A 198 13.16 -3.12 14.87
C LEU A 198 13.92 -2.73 16.13
N TYR A 199 13.80 -1.47 16.54
CA TYR A 199 14.41 -1.03 17.78
C TYR A 199 13.33 -0.38 18.61
N GLU A 200 13.29 -0.77 19.88
CA GLU A 200 12.32 -0.18 20.78
C GLU A 200 12.70 1.27 21.04
N ALA A 201 11.75 2.01 21.62
CA ALA A 201 11.92 3.44 21.78
C ALA A 201 13.14 3.80 22.62
N ASN A 202 13.61 2.89 23.46
CA ASN A 202 14.87 3.11 24.16
C ASN A 202 16.08 2.78 23.31
N GLY A 203 15.89 2.41 22.04
CA GLY A 203 17.00 2.04 21.19
C GLY A 203 17.43 0.59 21.30
N GLN A 204 16.88 -0.16 22.25
CA GLN A 204 17.18 -1.59 22.35
C GLN A 204 16.59 -2.30 21.14
N ALA A 205 17.32 -3.27 20.61
CA ALA A 205 16.77 -4.07 19.53
C ALA A 205 15.59 -4.91 19.98
N VAL A 206 14.60 -5.03 19.11
CA VAL A 206 13.56 -6.01 19.37
C VAL A 206 14.15 -7.40 19.17
N PRO A 207 14.07 -8.26 20.18
CA PRO A 207 14.49 -9.66 20.00
C PRO A 207 13.73 -10.37 18.90
N LYS A 208 14.40 -11.35 18.27
CA LYS A 208 13.80 -12.04 17.13
C LYS A 208 12.47 -12.68 17.51
N GLU A 209 12.42 -13.34 18.66
CA GLU A 209 11.21 -14.04 19.01
C GLU A 209 10.04 -13.09 19.17
N LYS A 210 10.27 -11.92 19.78
CA LYS A 210 9.18 -10.97 19.94
C LYS A 210 8.80 -10.40 18.58
N ASP A 211 9.80 -10.10 17.73
CA ASP A 211 9.55 -9.64 16.37
C ASP A 211 8.65 -10.61 15.61
N GLU A 212 9.00 -11.90 15.65
CA GLU A 212 8.23 -12.91 14.93
C GLU A 212 6.86 -13.13 15.54
N MET A 213 6.79 -13.22 16.87
CA MET A 213 5.51 -13.43 17.51
C MET A 213 4.53 -12.31 17.13
N VAL A 214 4.99 -11.06 17.22
CA VAL A 214 4.06 -9.98 16.97
C VAL A 214 3.70 -9.95 15.50
N GLU A 215 4.67 -10.13 14.61
CA GLU A 215 4.36 -10.12 13.18
C GLU A 215 3.35 -11.20 12.80
N GLN A 216 3.54 -12.43 13.30
CA GLN A 216 2.60 -13.48 12.95
C GLN A 216 1.21 -13.18 13.47
N GLU A 217 1.14 -12.58 14.65
CA GLU A 217 -0.16 -12.18 15.19
C GLU A 217 -0.79 -11.06 14.36
N PHE A 218 0.03 -10.14 13.88
CA PHE A 218 -0.40 -9.08 12.96
C PHE A 218 -1.04 -9.68 11.71
N ASN A 219 -0.37 -10.67 11.12
CA ASN A 219 -0.92 -11.33 9.96
C ASN A 219 -2.26 -11.96 10.28
N ARG A 220 -2.35 -12.57 11.47
CA ARG A 220 -3.58 -13.24 11.91
C ARG A 220 -4.74 -12.25 12.07
N LEU A 221 -4.49 -11.16 12.79
CA LEU A 221 -5.54 -10.16 13.01
C LEU A 221 -6.07 -9.63 11.68
N LEU A 222 -5.17 -9.35 10.74
CA LEU A 222 -5.61 -8.76 9.48
C LEU A 222 -6.40 -9.76 8.65
N GLU A 223 -5.92 -11.00 8.59
CA GLU A 223 -6.68 -12.01 7.87
C GLU A 223 -8.06 -12.16 8.49
N ALA A 224 -8.16 -11.92 9.81
CA ALA A 224 -9.44 -12.04 10.49
C ALA A 224 -10.41 -10.92 10.09
N THR A 225 -9.89 -9.71 9.92
CA THR A 225 -10.75 -8.64 9.43
C THR A 225 -11.24 -8.97 8.04
N SER A 226 -10.38 -9.54 7.21
CA SER A 226 -10.83 -9.89 5.87
C SER A 226 -11.88 -11.00 5.88
N TYR A 227 -11.83 -11.93 6.87
CA TYR A 227 -12.89 -12.96 6.98
C TYR A 227 -14.20 -12.32 7.42
N LEU A 228 -14.12 -11.48 8.45
CA LEU A 228 -15.26 -10.65 8.87
C LEU A 228 -15.92 -9.95 7.70
N SER A 229 -15.10 -9.32 6.85
CA SER A 229 -15.63 -8.51 5.77
C SER A 229 -16.21 -9.38 4.66
N HIS A 230 -15.43 -10.32 4.16
CA HIS A 230 -15.72 -10.97 2.89
C HIS A 230 -16.33 -12.35 3.06
N GLN A 231 -16.42 -12.86 4.26
CA GLN A 231 -17.20 -14.07 4.50
C GLN A 231 -18.47 -13.80 5.29
N LEU A 232 -18.39 -12.99 6.33
CA LEU A 232 -19.50 -12.67 7.21
C LEU A 232 -20.29 -11.41 6.83
N ASP A 233 -19.82 -10.63 5.85
CA ASP A 233 -20.50 -9.41 5.39
C ASP A 233 -20.79 -8.48 6.55
N PHE A 234 -19.77 -8.27 7.38
CA PHE A 234 -19.83 -7.28 8.44
C PHE A 234 -19.29 -5.95 7.90
N ASN A 235 -20.09 -5.34 7.03
CA ASN A 235 -19.61 -4.13 6.39
C ASN A 235 -20.33 -2.85 6.74
N VAL A 236 -21.53 -2.93 7.29
CA VAL A 236 -22.28 -1.74 7.69
C VAL A 236 -22.65 -1.94 9.14
N LEU A 237 -22.45 -0.91 9.96
CA LEU A 237 -22.81 -1.04 11.36
C LEU A 237 -23.42 0.24 11.88
N ASN A 238 -24.63 0.11 12.45
CA ASN A 238 -25.33 1.29 12.98
C ASN A 238 -25.40 2.34 11.90
N ASN A 239 -25.75 1.90 10.69
CA ASN A 239 -25.90 2.73 9.50
C ASN A 239 -24.57 3.34 9.05
N LYS A 240 -23.43 2.87 9.56
CA LYS A 240 -22.17 3.44 9.07
C LYS A 240 -21.29 2.37 8.42
N PRO A 241 -20.55 2.71 7.35
CA PRO A 241 -19.55 1.79 6.79
C PRO A 241 -18.44 1.50 7.79
N VAL A 242 -18.06 0.24 7.90
CA VAL A 242 -16.97 -0.15 8.80
C VAL A 242 -15.61 0.21 8.21
N SER A 243 -14.72 0.72 9.06
CA SER A 243 -13.35 0.98 8.65
C SER A 243 -12.47 -0.17 9.07
N LEU A 244 -11.34 -0.27 8.38
CA LEU A 244 -10.33 -1.24 8.78
C LEU A 244 -9.91 -1.04 10.23
N GLY A 245 -9.73 0.20 10.66
CA GLY A 245 -9.35 0.46 12.04
C GLY A 245 -10.39 -0.05 13.01
N GLN A 246 -11.64 0.14 12.66
CA GLN A 246 -12.75 -0.29 13.51
C GLN A 246 -12.73 -1.81 13.65
N ALA A 247 -12.59 -2.51 12.51
CA ALA A 247 -12.51 -3.97 12.54
C ALA A 247 -11.31 -4.44 13.34
N LEU A 248 -10.20 -3.73 13.23
CA LEU A 248 -9.01 -4.12 14.00
C LEU A 248 -9.26 -3.98 15.49
N GLU A 249 -9.98 -2.92 15.90
CA GLU A 249 -10.26 -2.75 17.32
C GLU A 249 -11.15 -3.88 17.79
N VAL A 250 -12.06 -4.31 16.93
CA VAL A 250 -12.97 -5.40 17.28
C VAL A 250 -12.23 -6.73 17.44
N VAL A 251 -11.34 -7.06 16.51
CA VAL A 251 -10.69 -8.37 16.63
C VAL A 251 -9.68 -8.40 17.77
N ILE A 252 -9.10 -7.25 18.10
CA ILE A 252 -8.21 -7.23 19.26
C ILE A 252 -9.02 -7.37 20.54
N GLN A 253 -10.20 -6.75 20.58
CA GLN A 253 -11.02 -6.89 21.76
C GLN A 253 -11.39 -8.35 21.97
N LEU A 254 -11.65 -9.09 20.89
CA LEU A 254 -11.98 -10.51 21.08
C LEU A 254 -10.79 -11.34 21.54
N GLN A 255 -9.59 -11.06 21.03
CA GLN A 255 -8.44 -11.79 21.60
C GLN A 255 -8.27 -11.49 23.08
N GLU A 256 -8.49 -10.25 23.49
CA GLU A 256 -8.33 -9.93 24.91
C GLU A 256 -9.41 -10.63 25.75
N LYS A 257 -10.65 -10.65 25.25
CA LYS A 257 -11.69 -11.44 25.89
C LYS A 257 -11.29 -12.91 26.03
N HIS A 258 -10.77 -13.51 24.96
CA HIS A 258 -10.36 -14.93 25.03
C HIS A 258 -9.30 -15.16 26.08
N VAL A 259 -8.32 -14.27 26.15
CA VAL A 259 -7.26 -14.40 27.15
C VAL A 259 -7.86 -14.31 28.55
N LYS A 260 -8.77 -13.36 28.75
CA LYS A 260 -9.32 -13.20 30.07
C LYS A 260 -10.16 -14.43 30.44
N ASP A 261 -10.82 -15.04 29.46
CA ASP A 261 -11.58 -16.27 29.71
C ASP A 261 -10.67 -17.43 30.11
N GLU A 262 -9.65 -17.72 29.33
CA GLU A 262 -8.79 -18.82 29.73
C GLU A 262 -8.17 -18.55 31.09
N GLN A 263 -7.94 -17.28 31.41
CA GLN A 263 -7.47 -16.95 32.74
C GLN A 263 -8.52 -17.28 33.78
N ILE A 264 -9.77 -16.97 33.49
CA ILE A 264 -10.85 -17.27 34.43
C ILE A 264 -10.99 -18.78 34.62
N GLU A 265 -11.06 -19.52 33.51
CA GLU A 265 -11.11 -20.98 33.60
C GLU A 265 -9.98 -21.51 34.46
N HIS A 266 -8.79 -20.95 34.29
CA HIS A 266 -7.64 -21.43 35.03
C HIS A 266 -7.77 -21.09 36.51
N TRP A 267 -8.22 -19.88 36.83
CA TRP A 267 -8.43 -19.53 38.24
C TRP A 267 -9.52 -20.40 38.88
N LYS A 268 -10.55 -20.76 38.11
CA LYS A 268 -11.58 -21.65 38.63
C LYS A 268 -11.00 -23.01 38.95
N LYS A 269 -10.13 -23.52 38.08
CA LYS A 269 -9.43 -24.78 38.35
C LYS A 269 -8.60 -24.66 39.63
N ILE A 270 -7.94 -23.52 39.82
CA ILE A 270 -7.16 -23.33 41.03
C ILE A 270 -8.07 -23.40 42.24
N VAL A 271 -9.13 -22.59 42.22
CA VAL A 271 -10.02 -22.50 43.38
C VAL A 271 -10.60 -23.86 43.71
N LYS A 272 -11.11 -24.57 42.70
CA LYS A 272 -11.68 -25.89 42.94
C LYS A 272 -10.66 -26.82 43.59
N THR A 273 -9.40 -26.79 43.12
CA THR A 273 -8.39 -27.64 43.75
C THR A 273 -8.10 -27.24 45.20
N GLN A 274 -8.05 -25.93 45.47
CA GLN A 274 -7.86 -25.48 46.85
C GLN A 274 -9.01 -25.96 47.73
N GLU A 275 -10.23 -25.86 47.22
CA GLU A 275 -11.40 -26.26 48.00
C GLU A 275 -11.36 -27.76 48.29
N GLU A 276 -10.95 -28.56 47.30
CA GLU A 276 -10.83 -29.99 47.55
C GLU A 276 -9.78 -30.28 48.61
N LEU A 277 -8.68 -29.56 48.58
CA LEU A 277 -7.67 -29.78 49.61
C LEU A 277 -8.16 -29.35 50.99
N LYS A 278 -8.79 -28.17 51.12
CA LYS A 278 -9.34 -27.78 52.41
C LYS A 278 -10.27 -28.86 52.99
N GLU A 279 -11.23 -29.32 52.19
CA GLU A 279 -12.15 -30.36 52.64
C GLU A 279 -11.38 -31.63 53.01
N LEU A 280 -10.46 -32.05 52.14
CA LEU A 280 -9.72 -33.27 52.37
C LEU A 280 -8.91 -33.19 53.64
N LEU A 281 -8.26 -32.05 53.89
CA LEU A 281 -7.50 -31.92 55.12
C LEU A 281 -8.42 -31.98 56.33
N ASN A 282 -9.58 -31.33 56.25
CA ASN A 282 -10.52 -31.47 57.36
C ASN A 282 -10.89 -32.92 57.60
N LYS A 283 -11.10 -33.67 56.52
CA LYS A 283 -11.45 -35.07 56.66
C LYS A 283 -10.30 -35.90 57.23
N MET A 284 -9.06 -35.66 56.75
CA MET A 284 -7.92 -36.37 57.32
C MET A 284 -7.73 -36.00 58.79
N VAL A 285 -7.98 -34.73 59.13
CA VAL A 285 -7.93 -34.29 60.51
C VAL A 285 -8.84 -35.14 61.38
N ASN A 286 -10.10 -35.26 60.96
CA ASN A 286 -11.04 -36.02 61.78
C ASN A 286 -10.69 -37.51 61.78
N LEU A 287 -10.04 -38.01 60.72
CA LEU A 287 -9.64 -39.42 60.73
C LEU A 287 -8.41 -39.66 61.59
N LYS A 288 -7.51 -38.70 61.71
CA LYS A 288 -6.44 -38.79 62.70
C LYS A 288 -7.04 -38.82 64.10
N GLU A 289 -7.96 -37.91 64.37
CA GLU A 289 -8.69 -37.90 65.64
C GLU A 289 -9.38 -39.25 65.95
N LYS A 290 -9.98 -39.86 64.92
CA LYS A 290 -10.65 -41.16 65.03
C LYS A 290 -9.65 -42.27 65.33
N ILE A 291 -8.46 -42.15 64.75
CA ILE A 291 -7.42 -43.15 64.95
C ILE A 291 -6.79 -42.94 66.32
N LYS A 292 -6.61 -41.69 66.73
CA LYS A 292 -6.16 -41.41 68.09
C LYS A 292 -7.08 -42.05 69.12
N GLU A 293 -8.40 -42.06 68.84
CA GLU A 293 -9.33 -42.71 69.78
C GLU A 293 -9.24 -44.24 69.74
N LEU A 294 -9.03 -44.82 68.56
CA LEU A 294 -8.94 -46.28 68.56
C LEU A 294 -7.59 -46.72 69.11
N HIS A 295 -6.52 -46.02 68.73
CA HIS A 295 -5.20 -46.31 69.23
C HIS A 295 -5.16 -46.20 70.76
N GLN A 296 -6.02 -45.34 71.35
CA GLN A 296 -6.07 -45.30 72.82
C GLN A 296 -6.84 -46.49 73.41
N GLN A 297 -7.90 -46.95 72.75
CA GLN A 297 -8.62 -48.14 73.21
C GLN A 297 -7.90 -49.46 72.91
N TYR A 298 -6.78 -49.40 72.20
CA TYR A 298 -5.85 -50.52 71.96
C TYR A 298 -4.87 -50.78 73.10
N LYS A 299 -4.62 -49.83 73.99
CA LYS A 299 -3.76 -50.11 75.15
C LYS A 299 -4.56 -50.61 76.34
N GLU A 300 -5.86 -50.29 76.37
CA GLU A 300 -6.77 -50.85 77.36
C GLU A 300 -6.73 -52.37 77.35
N ALA A 301 -6.33 -52.97 76.23
CA ALA A 301 -6.07 -54.41 76.19
C ALA A 301 -4.58 -54.69 76.04
N ASP A 309 -7.70 -63.56 79.44
CA ASP A 309 -9.12 -63.59 79.11
C ASP A 309 -9.30 -63.85 77.60
N ILE A 310 -10.42 -64.49 77.25
CA ILE A 310 -10.68 -64.93 75.88
C ILE A 310 -11.25 -63.79 75.05
N THR A 311 -12.21 -63.06 75.62
CA THR A 311 -12.73 -61.86 74.98
C THR A 311 -11.65 -60.79 74.84
N ALA A 312 -10.52 -60.91 75.55
CA ALA A 312 -9.41 -59.95 75.41
C ALA A 312 -8.43 -60.38 74.33
N GLU A 313 -8.10 -61.68 74.28
CA GLU A 313 -7.32 -62.21 73.17
C GLU A 313 -8.01 -61.96 71.84
N PHE A 314 -9.35 -62.02 71.81
CA PHE A 314 -10.10 -61.64 70.62
C PHE A 314 -10.38 -60.14 70.53
N LEU A 315 -10.24 -59.40 71.63
CA LEU A 315 -10.41 -57.96 71.57
C LEU A 315 -9.21 -57.30 70.92
N VAL A 316 -8.02 -57.86 71.13
CA VAL A 316 -6.84 -57.29 70.46
C VAL A 316 -6.90 -57.55 68.96
N LYS A 317 -7.21 -58.79 68.56
CA LYS A 317 -7.39 -59.08 67.13
C LYS A 317 -8.40 -58.13 66.48
N SER A 318 -9.52 -57.87 67.15
CA SER A 318 -10.54 -57.00 66.57
C SER A 318 -10.10 -55.53 66.56
N LYS A 319 -9.43 -55.09 67.62
CA LYS A 319 -8.99 -53.70 67.68
C LYS A 319 -7.80 -53.45 66.77
N HIS A 320 -6.98 -54.47 66.52
CA HIS A 320 -5.95 -54.35 65.49
C HIS A 320 -6.57 -54.34 64.11
N ARG A 321 -7.60 -55.15 63.90
CA ARG A 321 -8.31 -55.11 62.63
C ARG A 321 -8.96 -53.75 62.39
N ASP A 322 -9.49 -53.14 63.44
CA ASP A 322 -10.11 -51.84 63.31
C ASP A 322 -9.06 -50.75 63.13
N LEU A 323 -8.01 -50.76 63.95
CA LEU A 323 -6.98 -49.72 63.87
C LEU A 323 -6.36 -49.72 62.49
N THR A 324 -5.93 -50.90 62.03
CA THR A 324 -5.25 -50.89 60.75
C THR A 324 -6.22 -50.70 59.61
N ALA A 325 -7.53 -50.78 59.84
CA ALA A 325 -8.43 -50.45 58.75
C ALA A 325 -8.57 -48.92 58.61
N LEU A 326 -8.67 -48.23 59.75
CA LEU A 326 -8.62 -46.76 59.70
C LEU A 326 -7.28 -46.25 59.17
N CYS A 327 -6.18 -46.94 59.51
CA CYS A 327 -4.86 -46.55 58.96
C CYS A 327 -4.79 -46.77 57.46
N LYS A 328 -5.47 -47.79 56.92
CA LYS A 328 -5.53 -47.91 55.46
C LYS A 328 -6.41 -46.84 54.83
N GLU A 329 -7.47 -46.44 55.52
CA GLU A 329 -8.27 -45.32 55.03
C GLU A 329 -7.40 -44.07 54.97
N TYR A 330 -6.55 -43.86 55.98
CA TYR A 330 -5.75 -42.65 56.06
C TYR A 330 -4.59 -42.63 55.08
N ASP A 331 -3.90 -43.78 54.90
CA ASP A 331 -2.81 -43.80 53.94
C ASP A 331 -3.36 -43.62 52.52
N GLU A 332 -4.56 -44.16 52.24
CA GLU A 332 -5.14 -43.98 50.91
C GLU A 332 -5.62 -42.54 50.70
N LEU A 333 -6.05 -41.88 51.78
CA LEU A 333 -6.42 -40.48 51.62
C LEU A 333 -5.21 -39.57 51.46
N ALA A 334 -4.07 -39.90 52.09
CA ALA A 334 -2.86 -39.12 51.79
C ALA A 334 -2.31 -39.43 50.39
N GLU A 335 -2.78 -40.53 49.79
CA GLU A 335 -2.47 -40.85 48.40
C GLU A 335 -3.23 -39.93 47.46
N THR A 336 -4.50 -39.69 47.80
CA THR A 336 -5.24 -38.68 47.05
C THR A 336 -4.71 -37.28 47.36
N GLN A 337 -4.25 -37.05 48.58
CA GLN A 337 -3.70 -35.76 48.95
C GLN A 337 -2.54 -35.42 48.05
N GLY A 338 -1.72 -36.42 47.73
CA GLY A 338 -0.58 -36.18 46.87
C GLY A 338 -0.96 -35.96 45.42
N LYS A 339 -1.83 -36.82 44.86
CA LYS A 339 -2.23 -36.60 43.47
C LYS A 339 -3.00 -35.29 43.26
N LEU A 340 -3.49 -34.68 44.33
CA LEU A 340 -4.16 -33.39 44.23
C LEU A 340 -3.18 -32.24 44.37
N GLU A 341 -2.31 -32.24 45.38
CA GLU A 341 -1.42 -31.10 45.52
C GLU A 341 -0.31 -31.15 44.47
N GLU A 342 -0.28 -32.26 43.72
CA GLU A 342 0.49 -32.39 42.50
C GLU A 342 -0.26 -31.82 41.31
N LYS A 343 -1.59 -31.97 41.26
CA LYS A 343 -2.37 -31.22 40.27
C LYS A 343 -2.28 -29.70 40.50
N LEU A 344 -2.33 -29.29 41.77
CA LEU A 344 -2.19 -27.88 42.13
C LEU A 344 -0.83 -27.28 41.79
N GLN A 345 0.25 -28.01 42.02
CA GLN A 345 1.56 -27.36 41.84
C GLN A 345 1.78 -27.00 40.37
N GLU A 346 1.47 -27.91 39.45
CA GLU A 346 1.69 -27.58 38.05
C GLU A 346 0.62 -26.61 37.55
N LEU A 347 -0.55 -26.55 38.20
CA LEU A 347 -1.49 -25.52 37.76
C LEU A 347 -0.97 -24.13 38.11
N GLU A 348 -0.42 -23.95 39.32
CA GLU A 348 0.18 -22.66 39.64
C GLU A 348 1.41 -22.37 38.80
N ALA A 349 2.04 -23.41 38.25
CA ALA A 349 3.23 -23.19 37.43
C ALA A 349 2.94 -23.01 35.94
N ASN A 350 1.73 -23.34 35.44
CA ASN A 350 1.40 -23.13 34.02
C ASN A 350 0.25 -22.17 33.72
N PRO A 351 0.24 -20.94 34.27
CA PRO A 351 -0.81 -19.97 33.91
C PRO A 351 -0.83 -19.69 32.42
N PRO A 352 -2.01 -19.56 31.82
CA PRO A 352 -2.12 -18.94 30.49
C PRO A 352 -1.67 -17.48 30.54
N SER A 353 -1.62 -16.85 29.37
CA SER A 353 -1.09 -15.51 29.29
C SER A 353 -1.93 -14.62 30.20
N ASP A 354 -1.26 -13.79 30.98
CA ASP A 354 -1.97 -12.80 31.78
C ASP A 354 -2.72 -11.80 30.89
N VAL A 355 -2.08 -11.35 29.79
CA VAL A 355 -2.65 -10.35 28.90
C VAL A 355 -2.44 -10.84 27.47
N TYR A 356 -3.22 -10.25 26.56
CA TYR A 356 -3.04 -10.54 25.15
C TYR A 356 -1.72 -9.98 24.65
N LEU A 357 -1.50 -8.69 24.88
CA LEU A 357 -0.32 -8.00 24.43
C LEU A 357 0.34 -7.30 25.59
N SER A 358 1.59 -7.65 25.86
CA SER A 358 2.36 -6.87 26.80
C SER A 358 2.45 -5.44 26.28
N SER A 359 2.79 -4.51 27.18
CA SER A 359 2.92 -3.12 26.76
C SER A 359 3.91 -2.99 25.61
N ARG A 360 5.03 -3.72 25.70
CA ARG A 360 6.00 -3.72 24.63
C ARG A 360 5.46 -4.45 23.41
N ASP A 361 4.80 -5.58 23.62
CA ASP A 361 4.16 -6.29 22.52
C ASP A 361 3.19 -5.40 21.78
N ARG A 362 2.40 -4.63 22.51
CA ARG A 362 1.44 -3.74 21.87
C ARG A 362 2.14 -2.66 21.05
N GLN A 363 3.16 -2.03 21.63
CA GLN A 363 3.91 -1.03 20.86
C GLN A 363 4.47 -1.60 19.55
N ILE A 364 5.05 -2.80 19.60
CA ILE A 364 5.58 -3.40 18.37
C ILE A 364 4.45 -3.63 17.36
N LEU A 365 3.30 -4.12 17.84
CA LEU A 365 2.17 -4.31 16.95
C LEU A 365 1.76 -2.98 16.33
N ASP A 366 1.82 -1.90 17.10
CA ASP A 366 1.50 -0.58 16.55
C ASP A 366 2.53 -0.20 15.50
N TRP A 367 3.74 -0.74 15.58
CA TRP A 367 4.68 -0.49 14.51
C TRP A 367 4.18 -1.13 13.21
N HIS A 368 3.68 -2.35 13.28
CA HIS A 368 3.16 -2.95 12.05
C HIS A 368 1.95 -2.20 11.51
N PHE A 369 1.10 -1.69 12.41
CA PHE A 369 -0.01 -0.86 11.95
C PHE A 369 0.50 0.40 11.25
N ALA A 370 1.50 1.05 11.84
CA ALA A 370 2.09 2.22 11.20
C ALA A 370 2.57 1.85 9.82
N ASN A 371 3.24 0.69 9.67
CA ASN A 371 3.71 0.26 8.36
C ASN A 371 2.57 0.20 7.36
N LEU A 372 1.41 -0.25 7.81
CA LEU A 372 0.27 -0.30 6.92
C LEU A 372 -0.29 1.10 6.61
N GLU A 373 -0.22 2.02 7.59
CA GLU A 373 -0.64 3.41 7.38
C GLU A 373 0.31 4.16 6.45
N PHE A 374 1.58 3.77 6.48
CA PHE A 374 2.53 4.22 5.48
C PHE A 374 2.07 3.74 4.11
N ALA A 375 1.84 2.43 3.97
CA ALA A 375 1.48 1.88 2.67
C ALA A 375 0.19 2.50 2.10
N ASN A 376 -0.79 2.83 2.94
CA ASN A 376 -2.01 3.41 2.40
C ASN A 376 -2.04 4.93 2.54
N ALA A 377 -1.05 5.52 3.20
CA ALA A 377 -0.95 6.97 3.38
C ALA A 377 -2.11 7.54 4.20
N THR A 378 -2.70 6.82 5.15
CA THR A 378 -3.87 7.36 5.85
C THR A 378 -4.09 6.53 7.11
N PRO A 379 -4.69 7.10 8.16
CA PRO A 379 -5.02 6.28 9.33
C PRO A 379 -5.93 5.11 8.97
N LEU A 380 -5.71 3.96 9.62
CA LEU A 380 -6.51 2.76 9.35
C LEU A 380 -7.98 2.99 9.62
N SER A 381 -8.31 3.87 10.56
CA SER A 381 -9.71 4.11 10.81
C SER A 381 -10.40 4.81 9.65
N THR A 382 -9.66 5.20 8.60
CA THR A 382 -10.29 5.80 7.43
C THR A 382 -10.49 4.84 6.26
N LEU A 383 -9.77 3.72 6.22
CA LEU A 383 -9.86 2.84 5.06
C LEU A 383 -11.16 2.06 5.05
N SER A 384 -11.73 1.86 3.86
CA SER A 384 -12.89 0.99 3.73
C SER A 384 -12.47 -0.42 4.08
N LEU A 385 -13.17 -1.01 5.05
CA LEU A 385 -12.88 -2.40 5.40
C LEU A 385 -13.10 -3.33 4.23
N LYS A 386 -14.19 -3.13 3.49
CA LYS A 386 -14.55 -4.07 2.43
C LYS A 386 -13.67 -3.94 1.22
N HIS A 387 -13.19 -2.74 0.90
CA HIS A 387 -12.56 -2.47 -0.39
C HIS A 387 -11.14 -1.90 -0.34
N TRP A 388 -10.52 -1.75 0.83
CA TRP A 388 -9.23 -1.05 0.91
C TRP A 388 -8.15 -1.75 0.10
N ASP A 389 -8.26 -3.05 -0.14
CA ASP A 389 -7.23 -3.72 -0.93
C ASP A 389 -7.81 -4.34 -2.21
N GLN A 390 -8.82 -3.67 -2.80
CA GLN A 390 -9.52 -4.21 -3.95
C GLN A 390 -8.62 -4.43 -5.14
N ASP A 391 -7.47 -3.76 -5.14
CA ASP A 391 -6.51 -3.80 -6.23
C ASP A 391 -5.41 -4.81 -6.02
N ASP A 392 -5.53 -5.64 -4.97
CA ASP A 392 -4.49 -6.61 -4.65
C ASP A 392 -4.22 -7.54 -5.82
N ASP A 393 -5.27 -7.95 -6.52
CA ASP A 393 -5.27 -8.95 -7.58
C ASP A 393 -4.48 -8.50 -8.81
N PHE A 394 -3.98 -7.27 -8.83
CA PHE A 394 -3.26 -6.69 -9.96
C PHE A 394 -1.78 -6.46 -9.68
N GLU A 395 -1.26 -6.93 -8.55
CA GLU A 395 0.16 -6.79 -8.23
C GLU A 395 1.09 -7.37 -9.30
N PHE A 396 2.19 -6.68 -9.55
CA PHE A 396 3.17 -7.18 -10.51
C PHE A 396 4.02 -8.28 -9.88
N THR A 397 4.63 -9.08 -10.73
CA THR A 397 5.56 -10.07 -10.24
C THR A 397 6.98 -9.53 -10.30
N GLY A 398 7.83 -10.09 -9.45
CA GLY A 398 9.22 -9.72 -9.35
C GLY A 398 9.49 -8.87 -8.12
N SER A 399 10.78 -8.74 -7.83
CA SER A 399 11.19 -7.96 -6.68
C SER A 399 10.97 -6.46 -6.93
N HIS A 400 10.69 -5.72 -5.85
CA HIS A 400 10.65 -4.26 -5.89
C HIS A 400 12.02 -3.63 -5.96
N LEU A 401 12.10 -2.42 -6.53
CA LEU A 401 13.39 -1.75 -6.67
C LEU A 401 13.25 -0.27 -6.37
N THR A 402 14.38 0.37 -6.15
CA THR A 402 14.41 1.81 -5.93
C THR A 402 15.25 2.38 -7.05
N VAL A 403 15.07 3.66 -7.29
CA VAL A 403 15.68 4.34 -8.40
C VAL A 403 16.93 5.00 -7.84
N ARG A 404 18.08 4.35 -8.04
CA ARG A 404 19.28 4.84 -7.37
C ARG A 404 19.67 6.21 -7.90
N ASN A 405 19.34 6.50 -9.15
CA ASN A 405 19.70 7.77 -9.77
C ASN A 405 18.59 8.79 -9.70
N GLY A 406 17.54 8.55 -8.90
CA GLY A 406 16.49 9.55 -8.76
C GLY A 406 15.34 9.41 -9.73
N TYR A 407 14.12 9.30 -9.19
CA TYR A 407 12.98 9.01 -10.06
C TYR A 407 12.69 10.17 -11.03
N SER A 408 13.15 11.39 -10.75
CA SER A 408 12.95 12.48 -11.70
C SER A 408 13.55 12.17 -13.06
N CYS A 409 14.50 11.24 -13.14
CA CYS A 409 15.01 10.91 -14.46
C CYS A 409 13.89 10.49 -15.39
N VAL A 410 12.83 9.91 -14.84
CA VAL A 410 11.73 9.47 -15.68
C VAL A 410 10.95 10.68 -16.23
N PRO A 411 10.35 11.54 -15.39
CA PRO A 411 9.58 12.66 -15.96
C PRO A 411 10.44 13.66 -16.70
N VAL A 412 11.70 13.84 -16.28
CA VAL A 412 12.57 14.73 -17.02
C VAL A 412 12.78 14.22 -18.43
N ALA A 413 12.95 12.92 -18.57
CA ALA A 413 13.08 12.35 -19.90
C ALA A 413 11.79 12.50 -20.69
N LEU A 414 10.66 12.34 -20.03
CA LEU A 414 9.41 12.45 -20.75
C LEU A 414 9.13 13.86 -21.22
N ALA A 415 9.69 14.86 -20.53
CA ALA A 415 9.47 16.27 -20.87
C ALA A 415 10.16 16.72 -22.17
N GLU A 416 11.10 15.95 -22.71
CA GLU A 416 11.89 16.41 -23.84
C GLU A 416 10.99 16.77 -25.03
N GLY A 417 11.06 18.02 -25.48
CA GLY A 417 10.33 18.38 -26.67
C GLY A 417 8.90 18.76 -26.47
N LEU A 418 8.39 18.75 -25.25
CA LEU A 418 7.00 19.09 -25.02
C LEU A 418 6.86 20.57 -24.81
N ASP A 419 5.72 21.13 -25.23
CA ASP A 419 5.42 22.54 -24.94
C ASP A 419 4.86 22.60 -23.53
N ILE A 420 5.76 22.87 -22.59
CA ILE A 420 5.42 22.91 -21.19
C ILE A 420 5.65 24.31 -20.64
N LYS A 421 4.60 24.89 -20.07
CA LYS A 421 4.67 26.19 -19.42
C LYS A 421 4.67 25.94 -17.91
N LEU A 422 5.85 26.07 -17.29
CA LEU A 422 6.01 25.96 -15.85
C LEU A 422 5.61 27.27 -15.17
N ASN A 423 5.50 27.22 -13.83
CA ASN A 423 5.12 28.40 -13.04
C ASN A 423 3.81 28.97 -13.55
N THR A 424 2.96 28.09 -14.06
CA THR A 424 1.70 28.48 -14.69
C THR A 424 0.60 27.73 -13.99
N ALA A 425 -0.09 28.43 -13.09
CA ALA A 425 -1.09 27.82 -12.21
C ALA A 425 -2.50 28.04 -12.76
N VAL A 426 -3.17 26.95 -13.17
CA VAL A 426 -4.57 27.02 -13.58
C VAL A 426 -5.45 27.46 -12.41
N ARG A 427 -6.32 28.44 -12.66
CA ARG A 427 -7.29 28.91 -11.67
C ARG A 427 -8.72 28.61 -12.09
N GLN A 428 -9.01 28.52 -13.39
CA GLN A 428 -10.36 28.31 -13.89
C GLN A 428 -10.34 27.52 -15.21
N VAL A 429 -11.29 26.60 -15.32
CA VAL A 429 -11.43 25.74 -16.47
C VAL A 429 -12.84 25.90 -16.99
N ARG A 430 -12.98 26.44 -18.20
CA ARG A 430 -14.27 26.62 -18.86
C ARG A 430 -14.38 25.68 -20.04
N TYR A 431 -15.49 24.96 -20.11
CA TYR A 431 -15.77 23.99 -21.16
C TYR A 431 -17.21 24.13 -21.57
N THR A 432 -17.43 24.27 -22.88
CA THR A 432 -18.75 24.30 -23.48
C THR A 432 -18.78 23.36 -24.68
N ALA A 433 -19.96 23.19 -25.27
CA ALA A 433 -20.08 22.39 -26.47
C ALA A 433 -19.32 22.99 -27.65
N SER A 434 -18.72 24.17 -27.48
CA SER A 434 -17.96 24.84 -28.54
C SER A 434 -16.45 24.84 -28.30
N GLY A 435 -15.96 24.22 -27.22
CA GLY A 435 -14.55 24.24 -26.89
C GLY A 435 -14.32 24.65 -25.46
N CYS A 436 -13.04 24.88 -25.11
CA CYS A 436 -12.63 25.11 -23.74
C CYS A 436 -11.72 26.33 -23.64
N GLU A 437 -11.70 26.91 -22.45
CA GLU A 437 -10.75 27.96 -22.07
C GLU A 437 -10.18 27.64 -20.71
N VAL A 438 -8.86 27.62 -20.60
CA VAL A 438 -8.17 27.45 -19.33
C VAL A 438 -7.50 28.76 -18.98
N ILE A 439 -7.69 29.22 -17.75
CA ILE A 439 -7.14 30.49 -17.29
C ILE A 439 -6.11 30.22 -16.20
N ALA A 440 -4.93 30.87 -16.31
CA ALA A 440 -3.81 30.60 -15.40
C ALA A 440 -3.08 31.89 -15.03
N VAL A 441 -2.36 31.83 -13.91
CA VAL A 441 -1.54 32.95 -13.47
C VAL A 441 -0.09 32.51 -13.32
N ASN A 442 0.79 33.49 -13.51
CA ASN A 442 2.22 33.32 -13.26
C ASN A 442 2.44 33.30 -11.75
N THR A 443 3.01 32.21 -11.23
CA THR A 443 3.24 32.09 -9.80
C THR A 443 4.34 33.03 -9.31
N ARG A 444 5.22 33.52 -10.18
CA ARG A 444 6.19 34.52 -9.80
C ARG A 444 5.64 35.94 -9.88
N SER A 445 4.49 36.11 -10.52
CA SER A 445 3.87 37.41 -10.69
C SER A 445 2.37 37.20 -10.91
N THR A 446 1.61 36.90 -9.85
CA THR A 446 0.21 36.49 -10.02
C THR A 446 -0.67 37.56 -10.65
N SER A 447 -0.08 38.71 -10.98
CA SER A 447 -0.76 39.69 -11.82
C SER A 447 -0.82 39.20 -13.27
N GLN A 448 0.26 38.57 -13.76
CA GLN A 448 0.29 38.10 -15.14
C GLN A 448 -0.71 36.95 -15.30
N THR A 449 -1.66 37.11 -16.23
CA THR A 449 -2.72 36.16 -16.54
C THR A 449 -2.64 35.63 -17.98
N PHE A 450 -3.07 34.38 -18.16
CA PHE A 450 -3.06 33.71 -19.46
C PHE A 450 -4.41 33.04 -19.73
N ILE A 451 -4.84 33.07 -21.00
CA ILE A 451 -6.08 32.43 -21.46
C ILE A 451 -5.72 31.47 -22.58
N TYR A 452 -5.93 30.17 -22.38
CA TYR A 452 -5.66 29.15 -23.41
C TYR A 452 -6.97 28.59 -23.93
N LYS A 453 -7.24 28.82 -25.21
CA LYS A 453 -8.35 28.19 -25.90
C LYS A 453 -7.93 26.83 -26.41
N CYS A 454 -8.87 25.89 -26.40
CA CYS A 454 -8.51 24.54 -26.83
C CYS A 454 -9.78 23.76 -27.12
N ASP A 455 -9.60 22.61 -27.75
CA ASP A 455 -10.73 21.75 -28.04
C ASP A 455 -10.97 20.82 -26.89
N ALA A 456 -9.93 20.51 -26.12
CA ALA A 456 -10.12 19.57 -25.03
C ALA A 456 -9.16 19.89 -23.90
N VAL A 457 -9.63 19.64 -22.68
CA VAL A 457 -8.82 19.75 -21.48
C VAL A 457 -8.67 18.37 -20.89
N LEU A 458 -7.44 18.00 -20.58
CA LEU A 458 -7.12 16.82 -19.79
C LEU A 458 -6.70 17.31 -18.41
N CYS A 459 -7.50 17.02 -17.40
CA CYS A 459 -7.21 17.43 -16.04
C CYS A 459 -6.47 16.30 -15.35
N THR A 460 -5.21 16.55 -14.97
CA THR A 460 -4.46 15.64 -14.13
C THR A 460 -4.20 16.23 -12.75
N LEU A 461 -4.98 17.25 -12.36
CA LEU A 461 -4.85 17.81 -11.02
C LEU A 461 -5.01 16.69 -9.99
N PRO A 462 -4.18 16.66 -8.92
CA PRO A 462 -4.35 15.62 -7.90
C PRO A 462 -5.72 15.71 -7.23
N LEU A 463 -6.19 14.57 -6.71
CA LEU A 463 -7.45 14.54 -5.99
C LEU A 463 -7.43 15.55 -4.86
N GLY A 464 -6.29 15.65 -4.16
CA GLY A 464 -6.16 16.63 -3.09
C GLY A 464 -6.47 18.04 -3.54
N VAL A 465 -6.05 18.39 -4.75
CA VAL A 465 -6.36 19.71 -5.29
C VAL A 465 -7.85 19.80 -5.62
N LEU A 466 -8.41 18.72 -6.15
CA LEU A 466 -9.84 18.67 -6.47
C LEU A 466 -10.70 18.79 -5.23
N LYS A 467 -10.20 18.28 -4.10
CA LYS A 467 -10.94 18.35 -2.85
C LYS A 467 -10.88 19.71 -2.19
N GLN A 468 -10.00 20.59 -2.65
CA GLN A 468 -9.73 21.81 -1.90
C GLN A 468 -10.96 22.70 -1.85
N GLN A 469 -11.28 23.14 -0.63
CA GLN A 469 -12.35 24.08 -0.33
C GLN A 469 -11.80 25.20 0.54
N PRO A 470 -11.98 26.48 0.13
CA PRO A 470 -12.57 26.83 -1.18
C PRO A 470 -11.68 26.37 -2.35
N PRO A 471 -12.27 26.12 -3.54
CA PRO A 471 -11.50 25.47 -4.61
C PRO A 471 -10.27 26.29 -5.05
N ALA A 472 -9.19 25.56 -5.36
CA ALA A 472 -8.06 26.18 -6.04
C ALA A 472 -8.38 26.43 -7.49
N VAL A 473 -8.98 25.45 -8.16
CA VAL A 473 -9.38 25.54 -9.56
C VAL A 473 -10.90 25.54 -9.63
N GLN A 474 -11.46 26.51 -10.36
CA GLN A 474 -12.90 26.67 -10.53
C GLN A 474 -13.32 26.14 -11.90
N PHE A 475 -14.35 25.30 -11.92
CA PHE A 475 -14.91 24.76 -13.15
C PHE A 475 -16.17 25.44 -13.63
N VAL A 476 -16.21 25.76 -14.92
CA VAL A 476 -17.32 26.42 -15.59
C VAL A 476 -17.83 25.66 -16.82
N PRO A 477 -19.05 25.07 -16.76
CA PRO A 477 -19.96 25.04 -15.60
C PRO A 477 -19.39 24.13 -14.48
N PRO A 478 -19.91 24.23 -13.25
CA PRO A 478 -19.41 23.35 -12.19
C PRO A 478 -19.59 21.88 -12.57
N LEU A 479 -18.70 21.04 -12.03
CA LEU A 479 -18.74 19.61 -12.28
C LEU A 479 -20.07 18.97 -11.83
N PRO A 480 -20.49 17.88 -12.47
CA PRO A 480 -21.74 17.20 -12.10
C PRO A 480 -21.66 16.57 -10.72
N GLU A 481 -22.84 16.39 -10.11
CA GLU A 481 -22.88 15.81 -8.77
C GLU A 481 -22.21 14.45 -8.73
N TRP A 482 -22.40 13.61 -9.75
CA TRP A 482 -21.77 12.30 -9.68
C TRP A 482 -20.26 12.39 -9.63
N LYS A 483 -19.70 13.42 -10.22
CA LYS A 483 -18.25 13.57 -10.18
C LYS A 483 -17.80 14.22 -8.87
N THR A 484 -18.47 15.29 -8.44
CA THR A 484 -18.02 15.95 -7.22
C THR A 484 -18.24 15.04 -6.02
N SER A 485 -19.33 14.27 -6.00
CA SER A 485 -19.55 13.40 -4.87
C SER A 485 -18.57 12.25 -4.90
N ALA A 486 -18.14 11.81 -6.09
CA ALA A 486 -17.03 10.87 -6.10
C ALA A 486 -15.78 11.50 -5.51
N VAL A 487 -15.48 12.75 -5.89
CA VAL A 487 -14.36 13.46 -5.28
C VAL A 487 -14.49 13.51 -3.76
N GLN A 488 -15.68 13.82 -3.29
CA GLN A 488 -15.92 13.94 -1.87
C GLN A 488 -15.71 12.61 -1.15
N ARG A 489 -16.16 11.51 -1.76
CA ARG A 489 -16.08 10.21 -1.09
C ARG A 489 -14.66 9.69 -0.97
N MET A 490 -13.85 9.87 -2.01
CA MET A 490 -12.55 9.23 -2.07
C MET A 490 -11.60 9.73 -1.00
N GLY A 491 -10.70 8.85 -0.57
CA GLY A 491 -9.66 9.26 0.36
C GLY A 491 -8.46 9.84 -0.38
N PHE A 492 -7.85 10.86 0.23
CA PHE A 492 -6.55 11.38 -0.19
C PHE A 492 -5.66 11.49 1.03
N GLY A 493 -4.66 10.63 1.11
CA GLY A 493 -3.82 10.51 2.27
C GLY A 493 -2.64 11.44 2.28
N ASN A 494 -1.70 11.13 3.17
CA ASN A 494 -0.52 11.93 3.42
C ASN A 494 0.57 11.02 3.92
N LEU A 495 1.79 11.41 3.65
CA LEU A 495 2.98 10.66 4.04
C LEU A 495 4.17 11.56 3.84
N ASN A 496 5.09 11.57 4.79
CA ASN A 496 6.19 12.49 4.66
C ASN A 496 7.53 11.82 4.96
N LYS A 497 8.60 12.49 4.54
CA LYS A 497 9.94 11.94 4.64
C LYS A 497 10.91 12.99 5.17
N VAL A 498 11.80 12.56 6.06
CA VAL A 498 12.94 13.35 6.46
C VAL A 498 14.16 12.74 5.82
N VAL A 499 14.91 13.53 5.07
CA VAL A 499 16.13 13.10 4.42
C VAL A 499 17.31 13.60 5.24
N LEU A 500 18.21 12.68 5.61
CA LEU A 500 19.39 12.98 6.42
C LEU A 500 20.66 12.57 5.67
N CYS A 501 21.44 13.57 5.25
CA CYS A 501 22.70 13.37 4.56
C CYS A 501 23.87 13.59 5.51
N PHE A 502 24.69 12.55 5.71
CA PHE A 502 25.86 12.58 6.58
C PHE A 502 27.13 12.48 5.76
N ASP A 503 28.26 12.79 6.40
CA ASP A 503 29.54 12.57 5.75
C ASP A 503 30.16 11.22 6.08
N ARG A 504 29.50 10.39 6.88
CA ARG A 504 30.01 9.08 7.24
C ARG A 504 28.84 8.15 7.52
N VAL A 505 28.99 6.88 7.18
CA VAL A 505 27.98 5.84 7.42
C VAL A 505 28.18 5.18 8.78
N PHE A 506 27.21 5.34 9.68
CA PHE A 506 27.22 4.66 10.97
C PHE A 506 26.21 3.53 11.16
N TRP A 507 25.35 3.26 10.18
CA TRP A 507 24.38 2.18 10.30
C TRP A 507 24.86 0.90 9.63
N ASP A 508 24.00 -0.09 9.66
CA ASP A 508 24.30 -1.36 9.02
C ASP A 508 24.09 -1.23 7.51
N PRO A 509 25.18 -1.23 6.75
CA PRO A 509 25.09 -0.99 5.31
C PRO A 509 24.36 -2.08 4.56
N SER A 510 24.24 -3.26 5.16
CA SER A 510 23.65 -4.39 4.48
C SER A 510 22.15 -4.48 4.69
N VAL A 511 21.55 -3.57 5.47
CA VAL A 511 20.11 -3.52 5.64
C VAL A 511 19.56 -2.26 4.99
N ASN A 512 18.50 -2.41 4.21
CA ASN A 512 17.86 -1.25 3.60
C ASN A 512 16.88 -0.59 4.54
N LEU A 513 16.46 -1.28 5.59
CA LEU A 513 15.39 -0.83 6.46
C LEU A 513 15.71 -1.07 7.92
N PHE A 514 15.31 -0.13 8.76
CA PHE A 514 15.21 -0.55 10.16
C PHE A 514 14.11 0.27 10.81
N GLY A 515 13.52 -0.28 11.87
CA GLY A 515 12.30 0.27 12.43
C GLY A 515 12.54 0.85 13.81
N HIS A 516 11.84 1.92 14.10
CA HIS A 516 11.78 2.53 15.43
C HIS A 516 10.37 2.30 15.95
N VAL A 517 10.24 1.59 17.06
CA VAL A 517 8.94 1.27 17.61
C VAL A 517 8.47 2.46 18.42
N GLY A 518 7.38 3.09 17.99
CA GLY A 518 6.91 4.23 18.73
C GLY A 518 6.32 3.82 20.06
N SER A 519 6.34 4.76 20.98
CA SER A 519 5.89 4.48 22.34
C SER A 519 4.38 4.44 22.51
N THR A 520 3.60 5.11 21.66
CA THR A 520 2.16 5.14 21.85
C THR A 520 1.44 4.84 20.55
N THR A 521 0.17 4.45 20.68
CA THR A 521 -0.66 4.12 19.54
C THR A 521 -0.92 5.36 18.70
N ALA A 522 -1.28 6.47 19.35
CA ALA A 522 -1.67 7.66 18.61
C ALA A 522 -0.52 8.18 17.76
N SER A 523 0.72 8.09 18.27
CA SER A 523 1.92 8.58 17.59
C SER A 523 2.74 7.46 16.98
N ARG A 524 2.12 6.31 16.71
CA ARG A 524 2.86 5.15 16.23
C ARG A 524 3.55 5.38 14.89
N GLY A 525 3.11 6.36 14.10
CA GLY A 525 3.68 6.62 12.79
C GLY A 525 4.81 7.62 12.72
N GLU A 526 5.30 8.12 13.86
CA GLU A 526 6.31 9.18 13.90
C GLU A 526 7.71 8.61 13.71
N LEU A 527 8.31 8.83 12.54
CA LEU A 527 9.69 8.47 12.33
C LEU A 527 9.89 6.99 12.60
N PHE A 528 8.95 6.17 12.11
CA PHE A 528 8.92 4.78 12.52
C PHE A 528 9.81 3.88 11.69
N LEU A 529 10.19 4.30 10.49
CA LEU A 529 10.92 3.46 9.55
C LEU A 529 12.02 4.26 8.87
N PHE A 530 13.24 3.74 8.91
CA PHE A 530 14.40 4.36 8.30
C PHE A 530 14.84 3.53 7.12
N TRP A 531 15.16 4.23 6.03
CA TRP A 531 15.63 3.62 4.79
C TRP A 531 17.07 4.00 4.51
N ASN A 532 17.80 3.01 4.01
CA ASN A 532 19.20 3.11 3.63
C ASN A 532 19.24 2.52 2.24
N LEU A 533 19.25 3.35 1.20
CA LEU A 533 19.07 2.81 -0.13
C LEU A 533 20.10 3.24 -1.15
N TYR A 534 21.07 4.06 -0.78
CA TYR A 534 21.91 4.70 -1.79
C TYR A 534 23.39 4.48 -1.49
N LYS A 535 24.20 4.73 -2.52
CA LYS A 535 25.66 4.63 -2.41
C LYS A 535 26.17 5.48 -1.26
N ALA A 536 25.78 6.76 -1.27
CA ALA A 536 26.17 7.75 -0.28
C ALA A 536 25.39 7.59 1.02
N PRO A 537 25.87 8.22 2.12
CA PRO A 537 25.20 8.06 3.43
C PRO A 537 23.88 8.79 3.57
N ILE A 538 22.78 8.20 3.14
CA ILE A 538 21.50 8.88 3.22
C ILE A 538 20.57 8.02 4.04
N LEU A 539 19.76 8.66 4.88
CA LEU A 539 18.68 8.00 5.58
C LEU A 539 17.39 8.72 5.32
N LEU A 540 16.36 7.97 4.97
CA LEU A 540 14.99 8.47 4.96
C LEU A 540 14.25 7.99 6.19
N ALA A 541 13.60 8.91 6.88
CA ALA A 541 12.74 8.52 7.98
C ALA A 541 11.33 8.85 7.56
N LEU A 542 10.42 7.91 7.74
CA LEU A 542 9.04 8.10 7.34
C LEU A 542 8.17 8.66 8.46
N VAL A 543 7.22 9.49 8.08
CA VAL A 543 6.18 9.96 8.97
C VAL A 543 4.84 9.54 8.39
N ALA A 544 4.16 8.64 9.09
CA ALA A 544 2.97 7.99 8.55
C ALA A 544 1.77 8.24 9.47
N GLY A 545 0.60 7.92 8.94
CA GLY A 545 -0.62 7.94 9.72
C GLY A 545 -1.01 9.31 10.26
N GLU A 546 -1.49 9.30 11.51
CA GLU A 546 -1.93 10.51 12.18
C GLU A 546 -0.77 11.50 12.28
N ALA A 547 0.45 10.98 12.44
CA ALA A 547 1.60 11.85 12.56
C ALA A 547 1.87 12.66 11.28
N ALA A 548 1.50 12.11 10.13
CA ALA A 548 1.94 12.70 8.87
C ALA A 548 1.47 14.15 8.73
N GLY A 549 0.19 14.38 8.95
CA GLY A 549 -0.29 15.75 8.82
C GLY A 549 0.19 16.64 9.96
N ILE A 550 0.21 16.10 11.18
CA ILE A 550 0.53 16.90 12.35
C ILE A 550 1.98 17.37 12.31
N MET A 551 2.87 16.50 11.83
CA MET A 551 4.28 16.78 11.82
C MET A 551 4.63 17.88 10.85
N GLU A 552 3.79 18.13 9.84
CA GLU A 552 4.08 19.24 8.95
C GLU A 552 4.21 20.56 9.70
N ASN A 553 3.62 20.66 10.88
CA ASN A 553 3.70 21.86 11.69
C ASN A 553 4.98 21.99 12.50
N ILE A 554 5.92 21.07 12.34
CA ILE A 554 7.21 21.08 13.04
C ILE A 554 8.30 21.65 12.15
N SER A 555 9.15 22.49 12.73
CA SER A 555 10.22 23.00 11.90
C SER A 555 11.18 21.87 11.55
N ASP A 556 11.89 22.07 10.44
CA ASP A 556 12.88 21.10 9.95
C ASP A 556 13.87 20.71 11.05
N ASP A 557 14.47 21.72 11.69
CA ASP A 557 15.54 21.48 12.65
C ASP A 557 15.08 20.61 13.80
N VAL A 558 13.85 20.82 14.29
CA VAL A 558 13.32 20.04 15.41
C VAL A 558 13.04 18.60 15.02
N ILE A 559 12.45 18.39 13.85
CA ILE A 559 12.16 17.02 13.47
C ILE A 559 13.45 16.26 13.18
N VAL A 560 14.43 16.94 12.57
CA VAL A 560 15.73 16.32 12.42
C VAL A 560 16.29 15.94 13.78
N GLY A 561 16.19 16.85 14.75
CA GLY A 561 16.66 16.54 16.09
C GLY A 561 16.02 15.28 16.64
N ARG A 562 14.73 15.10 16.38
CA ARG A 562 14.10 13.90 16.91
C ARG A 562 14.61 12.67 16.18
N CYS A 563 14.85 12.81 14.88
CA CYS A 563 15.52 11.74 14.14
C CYS A 563 16.84 11.38 14.78
N LEU A 564 17.67 12.39 15.01
CA LEU A 564 19.01 12.18 15.52
C LEU A 564 18.95 11.55 16.90
N ALA A 565 17.96 11.92 17.70
CA ALA A 565 17.82 11.33 19.02
C ALA A 565 17.52 9.84 18.93
N ILE A 566 16.62 9.48 18.02
CA ILE A 566 16.34 8.06 17.77
C ILE A 566 17.61 7.32 17.33
N LEU A 567 18.31 7.89 16.38
CA LEU A 567 19.48 7.21 15.85
C LEU A 567 20.59 7.13 16.89
N LYS A 568 20.72 8.15 17.73
CA LYS A 568 21.69 8.07 18.81
C LYS A 568 21.28 7.01 19.82
N GLY A 569 19.98 6.82 20.00
CA GLY A 569 19.53 5.74 20.88
C GLY A 569 19.89 4.39 20.33
N ILE A 570 19.87 4.25 19.01
CA ILE A 570 20.16 2.94 18.45
C ILE A 570 21.66 2.69 18.38
N PHE A 571 22.43 3.66 17.90
CA PHE A 571 23.83 3.40 17.64
C PHE A 571 24.80 4.03 18.65
N GLY A 572 24.33 4.84 19.61
CA GLY A 572 25.25 5.55 20.49
C GLY A 572 25.40 7.03 20.17
N SER A 573 25.46 7.89 21.18
CA SER A 573 25.49 9.33 20.94
C SER A 573 26.72 9.80 20.19
N SER A 574 27.89 9.21 20.45
CA SER A 574 29.06 9.70 19.75
C SER A 574 29.20 9.13 18.35
N ALA A 575 28.41 8.11 18.01
CA ALA A 575 28.50 7.53 16.67
C ALA A 575 27.72 8.30 15.63
N VAL A 576 26.89 9.25 16.05
CA VAL A 576 25.98 9.91 15.13
C VAL A 576 26.41 11.35 14.96
N PRO A 577 27.03 11.69 13.84
CA PRO A 577 27.46 13.07 13.61
C PRO A 577 26.30 13.96 13.17
N GLN A 578 26.59 15.25 13.13
CA GLN A 578 25.58 16.17 12.65
C GLN A 578 25.44 15.99 11.14
N PRO A 579 24.21 15.96 10.62
CA PRO A 579 24.04 15.82 9.17
C PRO A 579 24.59 17.04 8.46
N LYS A 580 25.11 16.80 7.24
CA LYS A 580 25.58 17.91 6.39
C LYS A 580 24.43 18.55 5.61
N GLU A 581 23.42 17.76 5.21
CA GLU A 581 22.24 18.33 4.54
C GLU A 581 20.98 17.59 4.98
N THR A 582 19.86 18.32 5.10
CA THR A 582 18.55 17.74 5.43
C THR A 582 17.43 18.28 4.54
N VAL A 583 16.41 17.45 4.32
CA VAL A 583 15.19 17.88 3.60
C VAL A 583 13.96 17.28 4.22
N VAL A 584 12.85 18.03 4.24
CA VAL A 584 11.63 17.53 4.87
C VAL A 584 10.45 17.79 3.95
N SER A 585 9.79 16.71 3.52
CA SER A 585 8.57 16.84 2.73
C SER A 585 7.39 17.24 3.61
N ARG A 586 6.50 18.01 3.03
CA ARG A 586 5.24 18.40 3.61
C ARG A 586 4.17 18.27 2.54
N TRP A 587 3.79 17.04 2.20
CA TRP A 587 2.93 16.84 1.05
C TRP A 587 1.54 17.44 1.24
N ARG A 588 1.00 17.37 2.45
CA ARG A 588 -0.33 17.92 2.68
C ARG A 588 -0.37 19.43 2.46
N ALA A 589 0.62 20.16 2.99
CA ALA A 589 0.64 21.62 2.86
C ALA A 589 1.03 22.09 1.48
N ASP A 590 1.56 21.22 0.66
CA ASP A 590 1.93 21.56 -0.69
C ASP A 590 0.65 21.84 -1.48
N PRO A 591 0.42 23.07 -1.94
CA PRO A 591 -0.84 23.39 -2.59
C PRO A 591 -1.03 22.70 -3.90
N TRP A 592 0.04 22.16 -4.49
CA TRP A 592 -0.01 21.46 -5.75
C TRP A 592 -0.18 19.97 -5.55
N ALA A 593 -0.35 19.54 -4.30
CA ALA A 593 -0.59 18.14 -3.96
C ALA A 593 -1.72 18.07 -2.96
N ARG A 594 -1.66 18.89 -1.91
CA ARG A 594 -2.60 18.85 -0.78
C ARG A 594 -2.77 17.42 -0.22
N GLY A 595 -1.68 16.65 -0.21
CA GLY A 595 -1.70 15.27 0.24
C GLY A 595 -0.77 14.40 -0.58
N SER A 596 -0.71 13.09 -0.37
CA SER A 596 0.25 12.29 -1.13
C SER A 596 -0.40 11.46 -2.24
N TYR A 597 -1.42 10.66 -1.94
CA TYR A 597 -2.10 9.90 -3.00
C TYR A 597 -3.38 9.33 -2.42
N SER A 598 -4.29 8.97 -3.31
CA SER A 598 -5.61 8.49 -2.90
C SER A 598 -5.54 7.18 -2.11
N TYR A 599 -6.63 6.91 -1.40
CA TYR A 599 -6.93 5.64 -0.75
C TYR A 599 -8.42 5.44 -0.76
N VAL A 600 -8.82 4.19 -0.56
CA VAL A 600 -10.23 3.87 -0.64
C VAL A 600 -10.83 4.17 0.72
N ALA A 601 -11.49 5.32 0.85
CA ALA A 601 -12.05 5.71 2.12
C ALA A 601 -13.25 4.82 2.42
N ALA A 602 -13.50 4.61 3.72
CA ALA A 602 -14.68 3.91 4.14
C ALA A 602 -15.90 4.58 3.54
N GLY A 603 -16.73 3.78 2.87
CA GLY A 603 -17.85 4.30 2.12
C GLY A 603 -17.57 4.67 0.68
N SER A 604 -16.35 4.48 0.20
CA SER A 604 -16.03 4.56 -1.22
C SER A 604 -15.79 3.15 -1.77
N SER A 605 -15.38 3.07 -3.03
CA SER A 605 -15.04 1.78 -3.62
C SER A 605 -14.33 2.04 -4.95
N GLY A 606 -13.79 0.97 -5.54
CA GLY A 606 -13.16 1.06 -6.85
C GLY A 606 -14.04 1.79 -7.84
N ASN A 607 -15.35 1.65 -7.68
CA ASN A 607 -16.23 2.29 -8.63
C ASN A 607 -16.04 3.80 -8.64
N ASP A 608 -15.64 4.40 -7.51
CA ASP A 608 -15.37 5.83 -7.53
C ASP A 608 -14.17 6.15 -8.39
N TYR A 609 -13.20 5.24 -8.47
CA TYR A 609 -12.08 5.47 -9.39
C TYR A 609 -12.54 5.42 -10.83
N ASP A 610 -13.50 4.56 -11.14
CA ASP A 610 -14.00 4.59 -12.51
C ASP A 610 -14.76 5.88 -12.80
N LEU A 611 -15.57 6.34 -11.85
CA LEU A 611 -16.27 7.61 -12.05
C LEU A 611 -15.29 8.76 -12.23
N MET A 612 -14.19 8.73 -11.49
CA MET A 612 -13.19 9.78 -11.65
C MET A 612 -12.63 9.78 -13.06
N ALA A 613 -12.45 8.61 -13.67
CA ALA A 613 -11.91 8.61 -15.01
C ALA A 613 -12.90 9.13 -16.06
N GLN A 614 -14.18 9.22 -15.75
CA GLN A 614 -15.19 9.51 -16.77
C GLN A 614 -15.13 10.96 -17.26
N PRO A 615 -15.09 11.17 -18.58
CA PRO A 615 -15.11 12.52 -19.12
C PRO A 615 -16.47 13.19 -18.97
N ILE A 616 -16.44 14.49 -19.03
CA ILE A 616 -17.63 15.33 -18.95
C ILE A 616 -18.04 15.74 -20.35
N THR A 617 -19.36 15.77 -20.62
CA THR A 617 -19.87 16.32 -21.87
C THR A 617 -20.83 17.46 -21.56
N PRO A 618 -20.65 18.66 -22.10
CA PRO A 618 -21.67 19.70 -21.90
C PRO A 618 -23.00 19.33 -22.58
N GLY A 619 -24.10 19.62 -21.89
CA GLY A 619 -25.43 19.22 -22.31
C GLY A 619 -25.87 19.56 -23.73
N PRO A 620 -26.87 18.81 -24.25
CA PRO A 620 -27.34 18.91 -25.63
C PRO A 620 -27.86 20.28 -25.97
N PRO A 628 -23.94 15.89 -28.69
CA PRO A 628 -22.87 16.64 -28.02
C PRO A 628 -21.60 15.81 -27.79
N ILE A 629 -20.45 16.45 -27.54
CA ILE A 629 -19.18 15.70 -27.46
C ILE A 629 -18.38 16.05 -26.20
N PRO A 630 -17.59 15.11 -25.69
CA PRO A 630 -16.84 15.33 -24.45
C PRO A 630 -15.75 16.38 -24.59
N ARG A 631 -15.60 17.19 -23.56
CA ARG A 631 -14.59 18.23 -23.61
C ARG A 631 -13.54 18.10 -22.52
N LEU A 632 -13.95 17.68 -21.31
CA LEU A 632 -13.09 17.66 -20.14
C LEU A 632 -12.78 16.21 -19.73
N PHE A 633 -11.49 15.87 -19.69
CA PHE A 633 -11.02 14.52 -19.46
C PHE A 633 -10.19 14.42 -18.19
N PHE A 634 -10.05 13.22 -17.66
CA PHE A 634 -9.40 13.12 -16.36
C PHE A 634 -8.40 12.01 -16.36
N ALA A 635 -7.21 12.31 -15.85
CA ALA A 635 -6.18 11.32 -15.63
C ALA A 635 -5.49 11.60 -14.30
N GLY A 636 -4.58 10.72 -13.93
CA GLY A 636 -3.97 10.79 -12.63
C GLY A 636 -4.18 9.50 -11.85
N GLU A 637 -3.38 9.31 -10.80
CA GLU A 637 -3.37 8.05 -10.07
C GLU A 637 -4.76 7.74 -9.50
N HIS A 638 -5.54 8.76 -9.23
CA HIS A 638 -6.89 8.63 -8.67
C HIS A 638 -7.96 8.29 -9.72
N THR A 639 -7.58 8.00 -10.96
CA THR A 639 -8.56 7.72 -12.01
C THR A 639 -8.45 6.29 -12.53
N ILE A 640 -7.60 5.47 -11.94
CA ILE A 640 -7.30 4.15 -12.46
C ILE A 640 -7.56 3.10 -11.38
N ARG A 641 -8.70 2.43 -11.53
CA ARG A 641 -9.22 1.53 -10.51
C ARG A 641 -8.24 0.43 -10.12
N ASN A 642 -7.50 -0.12 -11.07
CA ASN A 642 -6.69 -1.28 -10.70
C ASN A 642 -5.29 -0.95 -10.28
N TYR A 643 -4.85 0.30 -10.46
CA TYR A 643 -3.48 0.64 -10.09
C TYR A 643 -3.38 2.00 -9.41
N PRO A 644 -4.26 2.31 -8.47
CA PRO A 644 -4.30 3.68 -7.93
C PRO A 644 -3.05 3.91 -7.10
N ALA A 645 -2.77 5.20 -6.85
CA ALA A 645 -1.72 5.62 -5.92
C ALA A 645 -0.31 5.17 -6.37
N THR A 646 -0.06 5.00 -7.66
CA THR A 646 1.26 4.57 -8.11
C THR A 646 1.70 5.41 -9.31
N VAL A 647 3.00 5.36 -9.58
CA VAL A 647 3.51 5.99 -10.80
C VAL A 647 3.03 5.23 -12.03
N HIS A 648 3.08 3.89 -12.01
CA HIS A 648 2.65 3.19 -13.20
C HIS A 648 1.16 3.37 -13.42
N GLY A 649 0.39 3.51 -12.34
CA GLY A 649 -1.04 3.75 -12.52
C GLY A 649 -1.32 5.11 -13.11
N ALA A 650 -0.64 6.13 -12.60
CA ALA A 650 -0.69 7.44 -13.23
C ALA A 650 -0.31 7.36 -14.71
N LEU A 651 0.79 6.67 -15.00
CA LEU A 651 1.23 6.53 -16.38
C LEU A 651 0.17 5.87 -17.25
N LEU A 652 -0.32 4.72 -16.82
CA LEU A 652 -1.34 4.03 -17.60
C LEU A 652 -2.54 4.93 -17.81
N SER A 653 -2.89 5.72 -16.80
CA SER A 653 -4.06 6.58 -16.92
C SER A 653 -3.84 7.63 -17.99
N GLY A 654 -2.61 8.16 -18.08
CA GLY A 654 -2.30 9.08 -19.16
C GLY A 654 -2.44 8.40 -20.51
N LEU A 655 -1.92 7.18 -20.62
CA LEU A 655 -2.08 6.42 -21.87
C LEU A 655 -3.56 6.17 -22.19
N ARG A 656 -4.35 5.83 -21.18
CA ARG A 656 -5.75 5.55 -21.39
C ARG A 656 -6.44 6.78 -21.96
N GLU A 657 -6.21 7.95 -21.34
CA GLU A 657 -6.90 9.16 -21.78
C GLU A 657 -6.41 9.62 -23.14
N ALA A 658 -5.13 9.42 -23.43
CA ALA A 658 -4.65 9.75 -24.76
C ALA A 658 -5.42 8.95 -25.80
N GLY A 659 -5.61 7.65 -25.55
CA GLY A 659 -6.39 6.85 -26.45
C GLY A 659 -7.83 7.35 -26.57
N ARG A 660 -8.44 7.70 -25.45
CA ARG A 660 -9.82 8.15 -25.50
C ARG A 660 -9.95 9.44 -26.29
N ILE A 661 -9.05 10.38 -26.06
CA ILE A 661 -9.11 11.67 -26.74
C ILE A 661 -8.82 11.52 -28.24
N ALA A 662 -7.80 10.73 -28.61
CA ALA A 662 -7.53 10.51 -30.03
C ALA A 662 -8.69 9.81 -30.72
N ASP A 663 -9.31 8.84 -30.05
CA ASP A 663 -10.47 8.21 -30.64
C ASP A 663 -11.54 9.23 -30.92
N GLN A 664 -11.73 10.18 -30.00
CA GLN A 664 -12.76 11.18 -30.19
C GLN A 664 -12.43 12.14 -31.33
N PHE A 665 -11.18 12.64 -31.39
CA PHE A 665 -10.83 13.76 -32.28
C PHE A 665 -10.13 13.36 -33.57
N LEU A 666 -9.78 12.08 -33.75
CA LEU A 666 -9.24 11.62 -35.01
C LEU A 666 -9.98 10.41 -35.53
N GLY A 667 -10.82 9.77 -34.72
CA GLY A 667 -11.70 8.71 -35.16
C GLY A 667 -11.26 7.32 -34.76
N ALA A 668 -12.20 6.47 -34.39
CA ALA A 668 -11.86 5.12 -33.97
C ALA A 668 -11.69 4.22 -35.21
C1 GOL B . -6.34 -0.11 14.82
O1 GOL B . -6.20 1.05 14.07
C2 GOL B . -5.40 0.04 16.03
O2 GOL B . -5.39 1.34 16.58
C3 GOL B . -5.84 -1.08 17.03
O3 GOL B . -7.00 -0.64 17.65
C1 GOL C . 8.07 18.80 -0.30
O1 GOL C . 7.19 19.09 0.73
C2 GOL C . 7.39 19.35 -1.60
O2 GOL C . 6.04 18.96 -1.66
C3 GOL C . 8.26 18.82 -2.81
O3 GOL C . 8.23 19.78 -3.84
C1 GOL D . 5.82 21.08 -29.92
O1 GOL D . 5.02 19.94 -29.93
C2 GOL D . 6.69 21.02 -31.22
O2 GOL D . 8.08 20.80 -30.98
C3 GOL D . 6.05 19.94 -32.12
O3 GOL D . 7.10 19.48 -32.94
C1 GOL E . 8.39 -1.71 4.92
O1 GOL E . 7.29 -1.38 4.12
C2 GOL E . 8.15 -3.15 5.47
O2 GOL E . 7.37 -3.93 4.60
C3 GOL E . 9.60 -3.69 5.84
O3 GOL E . 9.62 -5.09 6.01
O1 TLA F . 3.69 3.00 -40.05
O11 TLA F . 3.50 2.92 -37.84
C1 TLA F . 3.10 3.32 -38.98
C2 TLA F . 1.90 4.27 -39.06
O2 TLA F . 1.34 4.49 -37.75
C3 TLA F . 0.87 3.86 -40.15
O3 TLA F . 0.89 2.44 -40.28
C4 TLA F . -0.57 4.36 -40.02
O4 TLA F . -0.82 5.46 -39.47
O41 TLA F . -1.50 3.66 -40.51
O3 7UQ G . 6.71 3.49 -0.89
N4 7UQ G . 10.00 6.30 0.63
C12 7UQ G . 5.21 5.47 -2.08
C13 7UQ G . 4.03 5.73 -1.16
C14 7UQ G . 3.40 4.47 -0.61
C15 7UQ G . 4.99 4.02 -2.48
C16 7UQ G . 5.86 3.08 -1.92
C17 7UQ G . 8.06 3.67 -1.33
C18 7UQ G . 9.02 4.31 -0.36
C19 7UQ G . 9.16 5.68 -0.17
C20 7UQ G . 10.82 5.51 1.34
C21 7UQ G . 10.81 4.14 1.25
C22 7UQ G . 9.90 3.53 0.40
C23 7UQ G . 5.82 1.78 -2.37
C24 7UQ G . 4.92 1.34 -3.30
C25 7UQ G . 4.04 2.26 -3.78
C26 7UQ G . 4.04 3.59 -3.40
F 7UQ G . 8.39 6.49 -0.92
F1 7UQ G . 6.77 0.94 -1.93
F2 7UQ G . 3.14 1.85 -4.70
O2 7UQ G . 3.89 3.73 0.20
PA FAD H . 1.06 14.51 -9.99
O1A FAD H . 2.37 13.82 -10.08
O2A FAD H . 0.78 15.31 -8.72
O5B FAD H . 0.76 15.50 -11.17
C5B FAD H . -0.22 16.55 -11.22
C4B FAD H . 0.50 17.83 -11.53
O4B FAD H . -0.42 18.95 -11.43
C3B FAD H . 1.68 18.16 -10.62
O3B FAD H . 2.85 18.40 -11.39
C2B FAD H . 1.24 19.44 -9.89
O2B FAD H . 2.33 20.29 -9.55
C1B FAD H . 0.32 20.04 -10.95
N9A FAD H . -0.59 21.07 -10.48
C8A FAD H . -1.20 21.12 -9.25
N7A FAD H . -2.03 22.12 -9.11
C5A FAD H . -1.97 22.80 -10.32
C6A FAD H . -2.60 23.95 -10.80
N6A FAD H . -3.50 24.65 -10.09
N1A FAD H . -2.26 24.39 -12.04
C2A FAD H . -1.36 23.69 -12.75
N3A FAD H . -0.71 22.57 -12.40
C4A FAD H . -1.06 22.16 -11.17
N1 FAD H . 4.01 5.74 -6.41
C2 FAD H . 4.76 4.71 -6.89
O2 FAD H . 4.44 4.11 -7.91
N3 FAD H . 5.89 4.39 -6.19
C4 FAD H . 6.33 4.99 -5.03
O4 FAD H . 7.42 4.68 -4.56
C4X FAD H . 5.41 5.96 -4.51
N5 FAD H . 5.35 6.40 -3.22
C5X FAD H . 5.01 7.75 -3.00
C6 FAD H . 5.58 8.53 -2.01
C7 FAD H . 5.16 9.84 -1.80
C7M FAD H . 5.79 10.67 -0.73
C8 FAD H . 4.15 10.36 -2.61
C8M FAD H . 3.73 11.80 -2.48
C9 FAD H . 3.57 9.57 -3.61
C9A FAD H . 4.02 8.27 -3.82
N10 FAD H . 3.57 7.48 -4.89
C10 FAD H . 4.36 6.43 -5.28
C1' FAD H . 2.46 7.92 -5.74
C2' FAD H . 2.82 8.39 -7.14
O2' FAD H . 3.89 9.35 -7.16
C3' FAD H . 1.58 8.95 -7.83
O3' FAD H . 0.66 7.87 -8.02
C4' FAD H . 1.91 9.65 -9.15
O4' FAD H . 2.93 10.63 -8.89
C5' FAD H . 0.69 10.34 -9.74
O5' FAD H . 1.06 11.36 -10.69
P FAD H . 0.00 12.32 -11.31
O1P FAD H . 0.35 12.92 -12.58
O2P FAD H . -1.28 11.53 -11.35
O3P FAD H . -0.11 13.49 -10.24
#